data_5OAS
#
_entry.id   5OAS
#
_cell.length_a   71.171
_cell.length_b   81.197
_cell.length_c   137.574
_cell.angle_alpha   90.00
_cell.angle_beta   90.00
_cell.angle_gamma   90.00
#
_symmetry.space_group_name_H-M   'P 21 21 21'
#
loop_
_entity.id
_entity.type
_entity.pdbx_description
1 polymer 'Malate synthase G'
2 non-polymer GLYCEROL
3 non-polymer 1,2-ETHANEDIOL
4 non-polymer 'MAGNESIUM ION'
5 water water
#
_entity_poly.entity_id   1
_entity_poly.type   'polypeptide(L)'
_entity_poly.pdbx_seq_one_letter_code
;ARFMTERVQVGGLQVAKVLFDFVNNEAIPGTGVSADTFWTGAEAVINDLAPKNKALLAKRDELQAKIDGWHQARAGQAHD
AVAYKAFLEEIGYLLPEAEDFQAGTQNVDDEIARMAGPQLVVPVMNARFALNASNARWGSLYDALYGTDVISEEGGAEKG
KGYNKVRGDKVIAFARAFLDEAAPLESGSHVDATSYSVKNGALVVALKNGSETGLKNAGQFLAFQGDAAKPQAVLLKHNG
LHFEIQIDPSSPVGQTDAAGVKDVLMEAALTTIMDCEDSVAAVDADDKVVIYRNWLGLMKGDLAEEVSKGGSTFTRTMNP
DRVYTRADGSELTLHGRSLLFVRNVGHLMTNDAILDKDGNEVPEGIQDGLFTSLIAIHDLNGNTSRKNSRTGSVYIVKPK
MHGPEEAAFTNELFGRVEDVLGLPRNTLKVGIMDEERRTTVNLKACIKAAKDRVVFINTGFLDRTGDEIHTSMEAGAVVR
KGAMKSEKWIGAYENNNVDVGLATGLQGKAQIGKGMWAMPDLMAAMLEQKIGHPLAGANTAWVPSPTAATLHALHYHKVD
VFARQAELAKRTPASVDDILTIPLAPNTNWTAEEIKNEVDNNAQGILGYVVRWIDQGVGCSKVPDINDVGLMEDRATLRI
SSQLLANWLRHGVISQEQVVESLKRMAVVVDRQNASDPSYRPMAPNFDDNVAFQAALELVVEGTRQPNGYTEPVLHRRRR
EFKAKNGL
;
_entity_poly.pdbx_strand_id   A
#
# COMPACT_ATOMS: atom_id res chain seq x y z
N ALA A 1 17.73 -28.95 17.19
CA ALA A 1 18.51 -27.78 16.90
C ALA A 1 17.44 -26.84 16.48
N ARG A 2 17.41 -25.71 17.14
CA ARG A 2 16.42 -24.65 16.99
C ARG A 2 15.86 -24.07 15.68
N PHE A 3 16.63 -23.17 15.05
CA PHE A 3 16.19 -22.48 13.83
C PHE A 3 17.34 -22.90 12.92
N MET A 4 17.02 -23.69 11.91
CA MET A 4 18.03 -24.25 11.03
C MET A 4 17.99 -23.61 9.66
N THR A 5 19.14 -23.15 9.20
CA THR A 5 19.30 -22.66 7.84
C THR A 5 20.60 -23.23 7.30
N GLU A 6 20.55 -23.93 6.18
CA GLU A 6 21.79 -24.41 5.57
C GLU A 6 22.41 -23.27 4.78
N ARG A 7 23.67 -22.94 5.09
CA ARG A 7 24.34 -21.89 4.34
C ARG A 7 25.60 -22.42 3.70
N VAL A 8 26.12 -21.64 2.74
CA VAL A 8 27.40 -21.85 2.12
C VAL A 8 28.24 -20.58 2.23
N GLN A 9 29.55 -20.75 2.18
CA GLN A 9 30.49 -19.63 2.26
C GLN A 9 30.66 -18.98 0.89
N VAL A 10 30.41 -17.67 0.82
CA VAL A 10 30.49 -16.90 -0.42
C VAL A 10 31.41 -15.72 -0.10
N GLY A 11 32.70 -15.84 -0.42
CA GLY A 11 33.66 -14.86 0.08
C GLY A 11 33.65 -14.85 1.59
N GLY A 12 33.44 -13.66 2.17
CA GLY A 12 33.28 -13.51 3.60
C GLY A 12 31.86 -13.66 4.12
N LEU A 13 30.88 -13.83 3.22
CA LEU A 13 29.48 -13.99 3.59
C LEU A 13 29.16 -15.46 3.83
N GLN A 14 28.15 -15.72 4.64
CA GLN A 14 27.51 -17.03 4.71
C GLN A 14 26.08 -16.85 4.23
N VAL A 15 25.76 -17.45 3.09
CA VAL A 15 24.50 -17.23 2.40
C VAL A 15 23.66 -18.50 2.47
N ALA A 16 22.41 -18.38 2.91
CA ALA A 16 21.51 -19.52 2.84
C ALA A 16 21.55 -20.14 1.45
N LYS A 17 21.74 -21.44 1.39
CA LYS A 17 21.79 -22.10 0.13
C LYS A 17 20.57 -21.87 -0.75
N VAL A 18 19.40 -21.88 -0.15
CA VAL A 18 18.19 -21.70 -0.94
C VAL A 18 18.21 -20.35 -1.62
N LEU A 19 18.74 -19.32 -0.93
CA LEU A 19 18.81 -17.99 -1.52
C LEU A 19 19.93 -17.89 -2.53
N PHE A 20 21.09 -18.46 -2.21
CA PHE A 20 22.22 -18.49 -3.15
C PHE A 20 21.79 -19.08 -4.48
N ASP A 21 21.13 -20.24 -4.43
CA ASP A 21 20.72 -20.91 -5.66
C ASP A 21 19.62 -20.14 -6.38
N PHE A 22 18.66 -19.58 -5.64
CA PHE A 22 17.66 -18.77 -6.31
C PHE A 22 18.31 -17.62 -7.07
N VAL A 23 19.23 -16.91 -6.43
CA VAL A 23 19.88 -15.77 -7.11
C VAL A 23 20.66 -16.27 -8.33
N ASN A 24 21.48 -17.31 -8.15
CA ASN A 24 22.39 -17.70 -9.23
C ASN A 24 21.65 -18.32 -10.40
N ASN A 25 20.61 -19.11 -10.12
CA ASN A 25 19.97 -19.92 -11.15
C ASN A 25 18.70 -19.31 -11.68
N GLU A 26 18.08 -18.38 -10.95
CA GLU A 26 16.81 -17.80 -11.35
C GLU A 26 16.91 -16.30 -11.58
N ALA A 27 17.47 -15.53 -10.62
CA ALA A 27 17.50 -14.09 -10.80
C ALA A 27 18.56 -13.66 -11.80
N ILE A 28 19.75 -14.23 -11.75
CA ILE A 28 20.91 -13.74 -12.49
C ILE A 28 20.80 -13.99 -13.99
N PRO A 29 20.45 -15.19 -14.44
CA PRO A 29 20.48 -15.47 -15.88
C PRO A 29 19.57 -14.51 -16.65
N GLY A 30 20.14 -13.83 -17.64
CA GLY A 30 19.41 -12.88 -18.43
C GLY A 30 19.64 -11.43 -18.06
N THR A 31 20.34 -11.17 -16.95
CA THR A 31 20.66 -9.81 -16.54
C THR A 31 21.96 -9.30 -17.15
N GLY A 32 22.81 -10.19 -17.64
CA GLY A 32 24.16 -9.78 -18.04
C GLY A 32 25.10 -9.48 -16.90
N VAL A 33 24.68 -9.74 -15.66
CA VAL A 33 25.55 -9.60 -14.49
C VAL A 33 25.96 -11.00 -14.07
N SER A 34 27.25 -11.23 -13.89
CA SER A 34 27.69 -12.55 -13.44
C SER A 34 27.46 -12.70 -11.94
N ALA A 35 27.26 -13.94 -11.50
CA ALA A 35 27.07 -14.18 -10.07
C ALA A 35 28.27 -13.69 -9.26
N ASP A 36 29.48 -13.93 -9.76
CA ASP A 36 30.69 -13.49 -9.05
C ASP A 36 30.71 -11.98 -8.87
N THR A 37 30.45 -11.24 -9.94
CA THR A 37 30.34 -9.78 -9.84
C THR A 37 29.29 -9.38 -8.81
N PHE A 38 28.12 -10.02 -8.87
CA PHE A 38 27.06 -9.65 -7.95
C PHE A 38 27.44 -9.92 -6.48
N TRP A 39 27.92 -11.13 -6.19
CA TRP A 39 28.16 -11.47 -4.78
C TRP A 39 29.34 -10.70 -4.21
N THR A 40 30.39 -10.46 -5.01
CA THR A 40 31.50 -9.64 -4.53
C THR A 40 31.04 -8.21 -4.24
N GLY A 41 30.25 -7.63 -5.15
CA GLY A 41 29.71 -6.31 -4.89
C GLY A 41 28.78 -6.28 -3.70
N ALA A 42 27.90 -7.28 -3.58
CA ALA A 42 26.99 -7.33 -2.44
C ALA A 42 27.77 -7.35 -1.13
N GLU A 43 28.84 -8.15 -1.06
CA GLU A 43 29.60 -8.20 0.19
C GLU A 43 30.22 -6.85 0.51
N ALA A 44 30.71 -6.13 -0.50
CA ALA A 44 31.30 -4.82 -0.25
C ALA A 44 30.25 -3.85 0.31
N VAL A 45 29.06 -3.84 -0.29
CA VAL A 45 27.97 -2.98 0.18
C VAL A 45 27.60 -3.32 1.61
N ILE A 46 27.46 -4.62 1.89
CA ILE A 46 27.13 -5.04 3.26
C ILE A 46 28.19 -4.57 4.24
N ASN A 47 29.47 -4.80 3.90
CA ASN A 47 30.53 -4.45 4.85
C ASN A 47 30.60 -2.94 5.08
N ASP A 48 30.30 -2.15 4.06
CA ASP A 48 30.39 -0.71 4.19
C ASP A 48 29.18 -0.11 4.89
N LEU A 49 27.98 -0.60 4.55
CA LEU A 49 26.76 0.07 5.00
C LEU A 49 26.14 -0.55 6.25
N ALA A 50 26.43 -1.81 6.56
CA ALA A 50 25.79 -2.39 7.75
C ALA A 50 26.17 -1.64 9.03
N PRO A 51 27.40 -1.22 9.24
CA PRO A 51 27.72 -0.46 10.46
C PRO A 51 26.99 0.88 10.52
N LYS A 52 26.82 1.53 9.36
CA LYS A 52 26.04 2.77 9.33
C LYS A 52 24.58 2.50 9.69
N ASN A 53 24.04 1.41 9.15
CA ASN A 53 22.66 1.03 9.48
C ASN A 53 22.50 0.83 10.98
N LYS A 54 23.45 0.14 11.61
CA LYS A 54 23.36 -0.12 13.04
C LYS A 54 23.42 1.19 13.84
N ALA A 55 24.26 2.13 13.41
CA ALA A 55 24.36 3.40 14.12
C ALA A 55 23.08 4.22 13.99
N LEU A 56 22.42 4.17 12.82
CA LEU A 56 21.13 4.83 12.69
C LEU A 56 20.09 4.28 13.67
N LEU A 57 20.07 2.96 13.85
CA LEU A 57 19.14 2.38 14.81
C LEU A 57 19.51 2.78 16.24
N ALA A 58 20.80 2.83 16.56
CA ALA A 58 21.21 3.26 17.89
C ALA A 58 20.74 4.69 18.17
N LYS A 59 20.80 5.55 17.14
CA LYS A 59 20.33 6.93 17.28
C LYS A 59 18.83 6.98 17.55
N ARG A 60 18.03 6.16 16.86
CA ARG A 60 16.61 6.07 17.23
C ARG A 60 16.46 5.75 18.71
N ASP A 61 17.16 4.72 19.17
CA ASP A 61 17.02 4.29 20.56
C ASP A 61 17.45 5.39 21.52
N GLU A 62 18.54 6.09 21.19
CA GLU A 62 19.05 7.16 22.04
C GLU A 62 18.02 8.27 22.18
N LEU A 63 17.43 8.69 21.06
CA LEU A 63 16.45 9.78 21.10
C LEU A 63 15.19 9.37 21.86
N GLN A 64 14.65 8.19 21.58
CA GLN A 64 13.49 7.74 22.35
C GLN A 64 13.78 7.72 23.86
N ALA A 65 14.97 7.26 24.25
CA ALA A 65 15.29 7.24 25.67
C ALA A 65 15.33 8.64 26.25
N LYS A 66 15.86 9.61 25.50
CA LYS A 66 15.90 10.96 26.05
C LYS A 66 14.49 11.53 26.16
N ILE A 67 13.63 11.22 25.19
CA ILE A 67 12.25 11.70 25.27
C ILE A 67 11.54 11.04 26.45
N ASP A 68 11.68 9.71 26.59
CA ASP A 68 11.17 9.03 27.78
C ASP A 68 11.61 9.75 29.04
N GLY A 69 12.93 10.02 29.15
CA GLY A 69 13.46 10.68 30.33
C GLY A 69 12.91 12.09 30.53
N TRP A 70 12.68 12.81 29.42
CA TRP A 70 12.13 14.15 29.53
C TRP A 70 10.76 14.14 30.19
N HIS A 71 9.88 13.25 29.73
CA HIS A 71 8.55 13.18 30.34
C HIS A 71 8.62 12.67 31.76
N GLN A 72 9.47 11.68 32.01
CA GLN A 72 9.59 11.14 33.35
C GLN A 72 10.04 12.23 34.33
N ALA A 73 11.01 13.06 33.93
CA ALA A 73 11.48 14.15 34.80
C ALA A 73 10.42 15.20 35.06
N ARG A 74 9.29 15.14 34.38
CA ARG A 74 8.21 16.12 34.50
C ARG A 74 6.90 15.45 34.85
N ALA A 75 6.96 14.34 35.58
CA ALA A 75 5.75 13.63 35.97
C ALA A 75 4.81 14.56 36.73
N GLY A 76 3.55 14.61 36.29
CA GLY A 76 2.52 15.36 36.97
C GLY A 76 2.42 16.83 36.62
N GLN A 77 3.33 17.35 35.80
CA GLN A 77 3.30 18.76 35.45
C GLN A 77 2.54 18.96 34.13
N ALA A 78 2.08 20.18 33.91
CA ALA A 78 1.39 20.53 32.67
C ALA A 78 2.38 20.68 31.52
N HIS A 79 2.02 20.14 30.36
CA HIS A 79 2.92 20.12 29.21
C HIS A 79 3.34 21.53 28.82
N ASP A 80 4.65 21.75 28.81
CA ASP A 80 5.26 23.03 28.46
C ASP A 80 5.79 22.91 27.03
N ALA A 81 4.96 23.29 26.05
CA ALA A 81 5.31 23.11 24.65
C ALA A 81 6.60 23.83 24.27
N VAL A 82 6.81 25.04 24.81
CA VAL A 82 7.99 25.80 24.39
C VAL A 82 9.27 25.11 24.86
N ALA A 83 9.28 24.62 26.10
CA ALA A 83 10.44 23.88 26.60
C ALA A 83 10.60 22.55 25.90
N TYR A 84 9.49 21.92 25.51
CA TYR A 84 9.58 20.65 24.81
C TYR A 84 10.22 20.85 23.43
N LYS A 85 9.85 21.91 22.74
CA LYS A 85 10.34 22.09 21.38
C LYS A 85 11.82 22.51 21.39
N ALA A 86 12.24 23.29 22.38
CA ALA A 86 13.65 23.61 22.53
C ALA A 86 14.47 22.35 22.81
N PHE A 87 13.92 21.44 23.63
CA PHE A 87 14.57 20.16 23.89
C PHE A 87 14.67 19.31 22.62
N LEU A 88 13.57 19.14 21.90
CA LEU A 88 13.64 18.38 20.65
C LEU A 88 14.67 18.97 19.69
N GLU A 89 14.80 20.30 19.67
CA GLU A 89 15.80 20.94 18.81
C GLU A 89 17.20 20.69 19.34
N GLU A 90 17.41 20.90 20.64
CA GLU A 90 18.77 20.77 21.18
C GLU A 90 19.31 19.35 21.01
N ILE A 91 18.46 18.32 21.09
CA ILE A 91 18.96 16.95 21.01
C ILE A 91 19.12 16.46 19.57
N GLY A 92 18.69 17.23 18.57
CA GLY A 92 18.84 16.81 17.18
C GLY A 92 17.66 16.02 16.61
N TYR A 93 16.51 16.06 17.28
CA TYR A 93 15.30 15.39 16.80
C TYR A 93 14.56 16.27 15.81
N LEU A 94 14.26 17.52 16.21
CA LEU A 94 13.61 18.51 15.36
C LEU A 94 14.70 19.39 14.75
N LEU A 95 14.94 19.24 13.46
CA LEU A 95 16.03 19.95 12.79
C LEU A 95 15.53 21.20 12.10
N PRO A 96 16.44 22.11 11.74
CA PRO A 96 16.05 23.31 10.99
C PRO A 96 15.38 22.95 9.67
N GLU A 97 14.40 23.76 9.28
CA GLU A 97 13.74 23.50 8.01
C GLU A 97 14.75 23.58 6.87
N ALA A 98 14.70 22.61 5.95
CA ALA A 98 15.60 22.61 4.80
C ALA A 98 15.42 23.87 3.97
N GLU A 99 16.50 24.31 3.31
CA GLU A 99 16.42 25.40 2.36
C GLU A 99 15.53 25.02 1.18
N ASP A 100 14.92 26.04 0.56
CA ASP A 100 14.09 25.83 -0.63
C ASP A 100 14.84 25.05 -1.70
N PHE A 101 14.14 24.15 -2.38
CA PHE A 101 14.67 23.43 -3.53
C PHE A 101 13.50 22.89 -4.35
N GLN A 102 13.83 22.40 -5.54
CA GLN A 102 12.88 21.66 -6.37
C GLN A 102 13.45 20.28 -6.59
N ALA A 103 12.61 19.25 -6.44
CA ALA A 103 13.04 17.91 -6.77
C ALA A 103 13.60 17.87 -8.19
N GLY A 104 14.63 17.05 -8.41
CA GLY A 104 15.25 16.94 -9.71
C GLY A 104 15.02 15.62 -10.41
N THR A 105 14.10 14.78 -9.93
CA THR A 105 13.93 13.45 -10.46
C THR A 105 13.57 13.51 -11.94
N GLN A 106 14.22 12.66 -12.73
CA GLN A 106 14.00 12.55 -14.17
C GLN A 106 13.62 11.12 -14.51
N ASN A 107 13.12 10.94 -15.73
CA ASN A 107 12.83 9.61 -16.26
C ASN A 107 11.76 8.88 -15.44
N VAL A 108 10.69 9.60 -15.10
CA VAL A 108 9.59 9.04 -14.34
C VAL A 108 8.45 8.71 -15.30
N ASP A 109 7.89 7.50 -15.16
CA ASP A 109 6.78 7.10 -16.02
C ASP A 109 5.54 7.99 -15.81
N ASP A 110 4.74 8.13 -16.86
CA ASP A 110 3.56 9.00 -16.80
C ASP A 110 2.56 8.62 -15.71
N GLU A 111 2.40 7.33 -15.41
CA GLU A 111 1.39 6.93 -14.42
C GLU A 111 1.66 7.57 -13.07
N ILE A 112 2.92 7.82 -12.75
CA ILE A 112 3.32 8.46 -11.50
C ILE A 112 3.30 9.98 -11.62
N ALA A 113 3.98 10.51 -12.63
CA ALA A 113 4.29 11.93 -12.70
C ALA A 113 3.19 12.78 -13.29
N ARG A 114 2.38 12.21 -14.19
CA ARG A 114 1.51 13.01 -15.04
C ARG A 114 0.06 12.58 -14.99
N MET A 115 -0.30 11.64 -14.12
CA MET A 115 -1.66 11.14 -14.02
C MET A 115 -2.09 11.12 -12.56
N ALA A 116 -3.41 11.13 -12.36
CA ALA A 116 -4.00 11.00 -11.04
C ALA A 116 -4.95 9.82 -11.06
N GLY A 117 -4.73 8.87 -10.17
CA GLY A 117 -5.63 7.76 -10.06
C GLY A 117 -5.19 6.83 -8.95
N PRO A 118 -5.96 5.77 -8.75
CA PRO A 118 -5.73 4.85 -7.62
C PRO A 118 -4.39 4.14 -7.68
N GLN A 119 -3.90 3.78 -6.48
CA GLN A 119 -2.66 3.01 -6.33
C GLN A 119 -2.99 1.79 -5.46
N LEU A 120 -2.78 0.61 -6.01
CA LEU A 120 -3.14 -0.63 -5.34
C LEU A 120 -1.94 -1.15 -4.58
N VAL A 121 -2.16 -1.75 -3.39
CA VAL A 121 -1.06 -2.33 -2.62
C VAL A 121 -1.44 -3.78 -2.34
N VAL A 122 -0.57 -4.73 -2.71
CA VAL A 122 -0.87 -6.16 -2.53
C VAL A 122 0.36 -6.88 -2.04
N PRO A 123 0.16 -7.92 -1.23
CA PRO A 123 1.30 -8.78 -0.83
C PRO A 123 1.87 -9.52 -2.03
N VAL A 124 3.16 -9.31 -2.30
CA VAL A 124 3.77 -9.94 -3.48
C VAL A 124 3.96 -11.44 -3.25
N MET A 125 3.88 -11.89 -2.00
CA MET A 125 4.01 -13.31 -1.69
C MET A 125 2.83 -14.12 -2.22
N ASN A 126 1.74 -13.48 -2.57
CA ASN A 126 0.55 -14.18 -3.05
C ASN A 126 0.48 -13.93 -4.55
N ALA A 127 0.83 -14.95 -5.34
CA ALA A 127 0.99 -14.74 -6.77
C ALA A 127 -0.34 -14.45 -7.43
N ARG A 128 -1.43 -15.09 -6.94
CA ARG A 128 -2.73 -14.78 -7.49
C ARG A 128 -3.10 -13.31 -7.26
N PHE A 129 -2.91 -12.80 -6.04
CA PHE A 129 -3.17 -11.38 -5.79
C PHE A 129 -2.27 -10.50 -6.65
N ALA A 130 -0.99 -10.87 -6.79
CA ALA A 130 -0.09 -10.03 -7.58
C ALA A 130 -0.53 -9.98 -9.04
N LEU A 131 -0.93 -11.13 -9.60
CA LEU A 131 -1.39 -11.17 -10.99
C LEU A 131 -2.62 -10.32 -11.18
N ASN A 132 -3.59 -10.46 -10.27
CA ASN A 132 -4.80 -9.66 -10.40
C ASN A 132 -4.47 -8.17 -10.30
N ALA A 133 -3.49 -7.80 -9.47
CA ALA A 133 -3.14 -6.40 -9.32
C ALA A 133 -2.44 -5.87 -10.57
N SER A 134 -1.53 -6.65 -11.14
CA SER A 134 -0.92 -6.26 -12.41
C SER A 134 -2.00 -5.98 -13.45
N ASN A 135 -3.03 -6.82 -13.49
CA ASN A 135 -4.10 -6.67 -14.47
C ASN A 135 -5.14 -5.65 -14.07
N ALA A 136 -5.06 -5.05 -12.88
CA ALA A 136 -6.11 -4.16 -12.39
C ALA A 136 -6.01 -2.75 -12.99
N ARG A 137 -5.05 -2.52 -13.87
CA ARG A 137 -5.04 -1.29 -14.68
C ARG A 137 -6.37 -1.07 -15.39
N TRP A 138 -7.07 -2.15 -15.72
CA TRP A 138 -8.38 -2.07 -16.38
C TRP A 138 -9.36 -2.92 -15.59
N GLY A 139 -10.49 -2.34 -15.20
CA GLY A 139 -11.46 -3.05 -14.37
C GLY A 139 -12.87 -2.89 -14.87
N SER A 140 -13.65 -3.97 -14.77
CA SER A 140 -15.06 -3.94 -15.15
C SER A 140 -15.85 -3.11 -14.15
N LEU A 141 -16.46 -2.01 -14.60
CA LEU A 141 -17.32 -1.24 -13.70
C LEU A 141 -18.56 -2.03 -13.32
N TYR A 142 -19.12 -2.79 -14.27
CA TYR A 142 -20.34 -3.54 -13.96
C TYR A 142 -20.07 -4.61 -12.90
N ASP A 143 -18.93 -5.30 -13.01
CA ASP A 143 -18.59 -6.30 -11.99
C ASP A 143 -18.40 -5.64 -10.63
N ALA A 144 -17.74 -4.47 -10.62
CA ALA A 144 -17.47 -3.80 -9.34
C ALA A 144 -18.77 -3.32 -8.70
N LEU A 145 -19.73 -2.88 -9.49
CA LEU A 145 -21.02 -2.45 -8.97
C LEU A 145 -21.88 -3.64 -8.57
N TYR A 146 -22.05 -4.60 -9.47
CA TYR A 146 -22.88 -5.77 -9.17
C TYR A 146 -22.34 -6.50 -7.94
N GLY A 147 -21.03 -6.59 -7.83
CA GLY A 147 -20.46 -7.43 -6.79
C GLY A 147 -20.30 -6.80 -5.41
N THR A 148 -20.66 -5.53 -5.22
CA THR A 148 -20.37 -4.85 -3.96
C THR A 148 -21.62 -4.17 -3.45
N ASP A 149 -21.52 -3.57 -2.26
CA ASP A 149 -22.68 -2.92 -1.64
C ASP A 149 -22.91 -1.50 -2.16
N VAL A 150 -22.20 -1.08 -3.22
CA VAL A 150 -22.55 0.16 -3.90
C VAL A 150 -23.99 0.11 -4.38
N ILE A 151 -24.43 -1.05 -4.85
CA ILE A 151 -25.80 -1.27 -5.28
C ILE A 151 -26.50 -2.07 -4.19
N SER A 152 -27.56 -1.50 -3.61
CA SER A 152 -28.32 -2.21 -2.58
C SER A 152 -29.04 -3.43 -3.15
N GLU A 153 -29.17 -4.47 -2.32
CA GLU A 153 -29.96 -5.64 -2.71
C GLU A 153 -31.44 -5.49 -2.42
N GLU A 154 -31.85 -4.36 -1.82
CA GLU A 154 -33.24 -4.07 -1.53
C GLU A 154 -34.11 -4.21 -2.77
N GLY A 155 -35.40 -4.48 -2.57
CA GLY A 155 -36.30 -4.52 -3.70
C GLY A 155 -36.04 -5.68 -4.64
N GLY A 156 -35.58 -6.81 -4.11
CA GLY A 156 -35.33 -7.96 -4.96
C GLY A 156 -34.13 -7.79 -5.87
N ALA A 157 -33.14 -7.01 -5.43
CA ALA A 157 -31.91 -6.79 -6.17
C ALA A 157 -30.75 -7.62 -5.63
N GLU A 158 -31.04 -8.80 -5.07
CA GLU A 158 -29.98 -9.62 -4.52
C GLU A 158 -28.99 -10.04 -5.60
N LYS A 159 -27.73 -10.23 -5.19
CA LYS A 159 -26.72 -10.72 -6.12
C LYS A 159 -27.07 -12.11 -6.62
N GLY A 160 -27.43 -13.00 -5.70
CA GLY A 160 -27.66 -14.39 -6.04
C GLY A 160 -26.41 -15.01 -6.64
N LYS A 161 -26.64 -16.16 -7.28
CA LYS A 161 -25.58 -16.93 -7.90
C LYS A 161 -25.51 -16.77 -9.42
N GLY A 162 -26.56 -16.21 -10.02
CA GLY A 162 -26.55 -15.95 -11.44
C GLY A 162 -26.58 -14.47 -11.75
N TYR A 163 -27.30 -14.11 -12.79
CA TYR A 163 -27.48 -12.72 -13.17
C TYR A 163 -28.91 -12.33 -12.84
N ASN A 164 -29.06 -11.51 -11.81
CA ASN A 164 -30.37 -11.00 -11.41
C ASN A 164 -30.61 -9.69 -12.15
N LYS A 165 -31.47 -9.71 -13.16
CA LYS A 165 -31.69 -8.51 -13.96
C LYS A 165 -32.18 -7.33 -13.14
N VAL A 166 -32.96 -7.57 -12.08
CA VAL A 166 -33.38 -6.48 -11.20
C VAL A 166 -32.17 -5.73 -10.68
N ARG A 167 -31.16 -6.46 -10.24
CA ARG A 167 -29.93 -5.83 -9.80
C ARG A 167 -29.17 -5.26 -10.98
N GLY A 168 -29.02 -6.06 -12.04
CA GLY A 168 -28.25 -5.62 -13.19
C GLY A 168 -28.77 -4.34 -13.81
N ASP A 169 -30.10 -4.13 -13.80
CA ASP A 169 -30.64 -2.89 -14.32
C ASP A 169 -30.26 -1.70 -13.45
N LYS A 170 -30.07 -1.90 -12.14
CA LYS A 170 -29.58 -0.82 -11.30
C LYS A 170 -28.12 -0.51 -11.58
N VAL A 171 -27.31 -1.56 -11.77
CA VAL A 171 -25.92 -1.39 -12.19
C VAL A 171 -25.85 -0.56 -13.47
N ILE A 172 -26.64 -0.95 -14.47
CA ILE A 172 -26.63 -0.25 -15.75
C ILE A 172 -27.01 1.21 -15.57
N ALA A 173 -28.02 1.48 -14.73
CA ALA A 173 -28.46 2.86 -14.53
C ALA A 173 -27.39 3.69 -13.81
N PHE A 174 -26.73 3.10 -12.81
CA PHE A 174 -25.63 3.81 -12.15
C PHE A 174 -24.53 4.15 -13.17
N ALA A 175 -24.20 3.20 -14.04
CA ALA A 175 -23.12 3.44 -14.99
C ALA A 175 -23.53 4.46 -16.06
N ARG A 176 -24.80 4.49 -16.47
CA ARG A 176 -25.25 5.54 -17.39
C ARG A 176 -25.15 6.91 -16.75
N ALA A 177 -25.47 7.01 -15.46
CA ALA A 177 -25.32 8.31 -14.81
C ALA A 177 -23.86 8.75 -14.80
N PHE A 178 -22.94 7.80 -14.57
CA PHE A 178 -21.52 8.12 -14.66
C PHE A 178 -21.17 8.63 -16.06
N LEU A 179 -21.63 7.93 -17.10
CA LEU A 179 -21.37 8.37 -18.47
C LEU A 179 -21.92 9.78 -18.73
N ASP A 180 -23.14 10.07 -18.26
CA ASP A 180 -23.69 11.41 -18.41
C ASP A 180 -22.82 12.47 -17.73
N GLU A 181 -22.16 12.11 -16.62
CA GLU A 181 -21.30 13.10 -15.96
C GLU A 181 -19.94 13.20 -16.62
N ALA A 182 -19.32 12.07 -16.94
CA ALA A 182 -17.93 12.06 -17.39
C ALA A 182 -17.79 12.24 -18.90
N ALA A 183 -18.83 11.90 -19.65
CA ALA A 183 -18.82 12.01 -21.12
C ALA A 183 -20.17 12.51 -21.59
N PRO A 184 -20.58 13.71 -21.17
CA PRO A 184 -21.94 14.17 -21.46
C PRO A 184 -22.18 14.29 -22.95
N LEU A 185 -23.41 13.97 -23.35
CA LEU A 185 -23.85 14.18 -24.71
C LEU A 185 -24.25 15.63 -24.94
N GLU A 186 -24.14 16.07 -26.19
CA GLU A 186 -24.63 17.39 -26.56
C GLU A 186 -26.13 17.54 -26.30
N SER A 187 -26.92 16.53 -26.65
CA SER A 187 -28.33 16.49 -26.31
C SER A 187 -28.70 15.14 -25.74
N GLY A 188 -29.60 15.13 -24.77
CA GLY A 188 -30.11 13.90 -24.23
C GLY A 188 -29.16 13.24 -23.24
N SER A 189 -29.55 12.03 -22.84
CA SER A 189 -28.84 11.23 -21.84
C SER A 189 -28.38 9.92 -22.46
N HIS A 190 -27.22 9.44 -22.03
CA HIS A 190 -26.80 8.10 -22.43
C HIS A 190 -27.87 7.07 -22.09
N VAL A 191 -28.78 7.40 -21.17
CA VAL A 191 -29.81 6.43 -20.82
C VAL A 191 -30.64 6.07 -22.04
N ASP A 192 -30.77 6.99 -22.99
CA ASP A 192 -31.59 6.78 -24.18
C ASP A 192 -30.78 6.44 -25.42
N ALA A 193 -29.55 5.98 -25.28
CA ALA A 193 -28.77 5.61 -26.45
C ALA A 193 -29.30 4.31 -27.07
N THR A 194 -29.37 4.29 -28.40
CA THR A 194 -29.67 3.09 -29.15
C THR A 194 -28.49 2.60 -29.96
N SER A 195 -27.44 3.41 -30.11
CA SER A 195 -26.29 3.01 -30.92
C SER A 195 -25.09 3.92 -30.67
N TYR A 196 -23.91 3.32 -30.46
CA TYR A 196 -22.63 4.03 -30.44
C TYR A 196 -21.85 3.66 -31.70
N SER A 197 -21.47 4.65 -32.48
CA SER A 197 -20.65 4.38 -33.68
C SER A 197 -19.77 5.58 -33.99
N VAL A 198 -18.89 5.39 -34.95
CA VAL A 198 -17.92 6.37 -35.34
C VAL A 198 -18.16 6.80 -36.78
N LYS A 199 -18.29 8.08 -36.98
CA LYS A 199 -18.54 8.62 -38.28
C LYS A 199 -17.84 9.92 -38.47
N ASN A 200 -17.15 10.06 -39.55
CA ASN A 200 -16.44 11.29 -39.82
C ASN A 200 -15.51 11.67 -38.68
N GLY A 201 -14.89 10.68 -38.05
CA GLY A 201 -13.97 10.86 -36.95
C GLY A 201 -14.50 11.15 -35.57
N ALA A 202 -15.81 11.18 -35.43
CA ALA A 202 -16.47 11.53 -34.18
C ALA A 202 -17.38 10.41 -33.69
N LEU A 203 -17.53 10.31 -32.37
CA LEU A 203 -18.53 9.42 -31.79
C LEU A 203 -19.94 9.93 -32.12
N VAL A 204 -20.79 9.04 -32.62
CA VAL A 204 -22.19 9.37 -32.90
C VAL A 204 -23.07 8.49 -32.02
N VAL A 205 -23.99 9.12 -31.29
CA VAL A 205 -24.89 8.40 -30.38
C VAL A 205 -26.30 8.57 -30.92
N ALA A 206 -26.91 7.47 -31.35
CA ALA A 206 -28.31 7.51 -31.74
C ALA A 206 -29.18 7.39 -30.49
N LEU A 207 -30.31 8.10 -30.49
CA LEU A 207 -31.20 8.12 -29.32
C LEU A 207 -32.55 7.50 -29.64
N LYS A 208 -33.23 7.05 -28.59
CA LYS A 208 -34.52 6.40 -28.76
C LYS A 208 -35.51 7.27 -29.54
N ASN A 209 -35.41 8.60 -29.43
CA ASN A 209 -36.35 9.43 -30.17
C ASN A 209 -36.04 9.52 -31.67
N GLY A 210 -35.03 8.80 -32.16
CA GLY A 210 -34.74 8.81 -33.58
C GLY A 210 -33.69 9.81 -34.02
N SER A 211 -33.30 10.76 -33.17
CA SER A 211 -32.25 11.70 -33.51
C SER A 211 -30.89 11.10 -33.16
N GLU A 212 -29.84 11.78 -33.60
CA GLU A 212 -28.47 11.43 -33.26
C GLU A 212 -27.80 12.63 -32.61
N THR A 213 -26.87 12.37 -31.71
CA THR A 213 -26.09 13.41 -31.07
C THR A 213 -24.63 12.99 -31.00
N GLY A 214 -23.76 13.98 -30.75
CA GLY A 214 -22.38 13.74 -30.42
C GLY A 214 -22.12 14.01 -28.94
N LEU A 215 -20.86 13.85 -28.55
CA LEU A 215 -20.41 14.28 -27.24
C LEU A 215 -20.44 15.81 -27.15
N LYS A 216 -20.76 16.32 -25.96
CA LYS A 216 -20.58 17.74 -25.69
C LYS A 216 -19.14 18.19 -25.97
N ASN A 217 -18.15 17.42 -25.52
CA ASN A 217 -16.76 17.66 -25.88
C ASN A 217 -16.29 16.50 -26.75
N ALA A 218 -16.32 16.70 -28.07
CA ALA A 218 -16.08 15.59 -28.97
C ALA A 218 -14.64 15.07 -28.90
N GLY A 219 -13.70 15.88 -28.40
CA GLY A 219 -12.33 15.43 -28.26
C GLY A 219 -12.15 14.35 -27.21
N GLN A 220 -13.17 14.08 -26.39
CA GLN A 220 -13.05 12.99 -25.43
C GLN A 220 -13.00 11.62 -26.11
N PHE A 221 -13.54 11.52 -27.31
CA PHE A 221 -13.49 10.27 -28.06
C PHE A 221 -12.13 10.10 -28.71
N LEU A 222 -11.49 8.95 -28.49
CA LEU A 222 -10.15 8.71 -28.99
C LEU A 222 -10.06 7.66 -30.08
N ALA A 223 -10.77 6.54 -29.96
CA ALA A 223 -10.47 5.39 -30.81
C ALA A 223 -11.49 4.30 -30.55
N PHE A 224 -11.36 3.18 -31.26
CA PHE A 224 -12.40 2.17 -31.16
C PHE A 224 -11.78 0.82 -31.48
N GLN A 225 -12.49 -0.24 -31.13
CA GLN A 225 -12.13 -1.58 -31.54
C GLN A 225 -13.25 -2.14 -32.39
N GLY A 226 -12.89 -2.90 -33.41
CA GLY A 226 -13.89 -3.45 -34.32
C GLY A 226 -14.17 -2.51 -35.47
N ASP A 227 -15.34 -2.69 -36.08
CA ASP A 227 -15.76 -1.87 -37.22
C ASP A 227 -16.33 -0.54 -36.74
N ALA A 228 -15.87 0.56 -37.35
CA ALA A 228 -16.33 1.89 -36.96
C ALA A 228 -17.85 2.00 -36.94
N ALA A 229 -18.54 1.29 -37.84
CA ALA A 229 -20.00 1.38 -37.91
C ALA A 229 -20.70 0.59 -36.83
N LYS A 230 -20.03 -0.33 -36.18
CA LYS A 230 -20.62 -1.19 -35.18
C LYS A 230 -19.50 -1.64 -34.25
N PRO A 231 -18.88 -0.71 -33.55
CA PRO A 231 -17.66 -1.02 -32.79
C PRO A 231 -17.96 -1.94 -31.63
N GLN A 232 -16.99 -2.78 -31.30
CA GLN A 232 -17.04 -3.57 -30.08
C GLN A 232 -16.69 -2.75 -28.85
N ALA A 233 -15.95 -1.66 -29.02
CA ALA A 233 -15.63 -0.80 -27.90
C ALA A 233 -15.34 0.59 -28.43
N VAL A 234 -15.75 1.60 -27.66
CA VAL A 234 -15.40 2.99 -27.92
C VAL A 234 -14.57 3.51 -26.75
N LEU A 235 -13.41 4.11 -27.06
CA LEU A 235 -12.43 4.53 -26.06
C LEU A 235 -12.58 6.02 -25.81
N LEU A 236 -12.83 6.40 -24.57
CA LEU A 236 -13.00 7.78 -24.17
C LEU A 236 -11.93 8.16 -23.16
N LYS A 237 -11.71 9.46 -23.02
CA LYS A 237 -10.79 9.98 -22.01
C LYS A 237 -11.43 11.15 -21.27
N HIS A 238 -11.15 11.23 -19.96
CA HIS A 238 -11.67 12.31 -19.13
C HIS A 238 -10.74 12.46 -17.93
N ASN A 239 -10.33 13.70 -17.65
CA ASN A 239 -9.36 13.94 -16.55
C ASN A 239 -8.14 13.05 -16.66
N GLY A 240 -7.71 12.81 -17.89
CA GLY A 240 -6.54 12.03 -18.16
C GLY A 240 -6.68 10.53 -18.05
N LEU A 241 -7.82 10.07 -17.60
CA LEU A 241 -8.09 8.66 -17.45
C LEU A 241 -8.97 8.12 -18.55
N HIS A 242 -8.75 6.90 -18.97
CA HIS A 242 -9.54 6.31 -20.01
C HIS A 242 -10.67 5.40 -19.51
N PHE A 243 -11.63 5.18 -20.38
CA PHE A 243 -12.70 4.22 -20.16
C PHE A 243 -13.27 3.82 -21.49
N GLU A 244 -13.73 2.59 -21.57
CA GLU A 244 -14.36 2.07 -22.75
C GLU A 244 -15.83 1.79 -22.51
N ILE A 245 -16.65 2.07 -23.49
CA ILE A 245 -18.02 1.63 -23.48
C ILE A 245 -17.89 0.35 -24.37
N GLN A 246 -18.19 -0.80 -23.79
CA GLN A 246 -18.07 -2.10 -24.45
C GLN A 246 -19.43 -2.51 -24.97
N ILE A 247 -19.48 -2.94 -26.20
CA ILE A 247 -20.74 -3.19 -26.88
C ILE A 247 -20.76 -4.61 -27.42
N ASP A 248 -21.78 -5.38 -27.04
CA ASP A 248 -22.00 -6.71 -27.61
C ASP A 248 -23.47 -7.09 -27.44
N PRO A 249 -24.29 -6.86 -28.47
CA PRO A 249 -25.73 -7.13 -28.33
C PRO A 249 -26.09 -8.61 -28.21
N SER A 250 -25.15 -9.52 -28.41
CA SER A 250 -25.42 -10.94 -28.19
C SER A 250 -25.03 -11.40 -26.79
N SER A 251 -24.36 -10.57 -25.99
CA SER A 251 -23.97 -10.97 -24.66
C SER A 251 -25.19 -10.98 -23.73
N PRO A 252 -25.10 -11.69 -22.61
CA PRO A 252 -26.25 -11.72 -21.68
C PRO A 252 -26.66 -10.34 -21.21
N VAL A 253 -25.70 -9.48 -20.85
CA VAL A 253 -26.06 -8.12 -20.44
C VAL A 253 -26.42 -7.29 -21.67
N GLY A 254 -25.60 -7.37 -22.71
CA GLY A 254 -25.83 -6.55 -23.90
C GLY A 254 -27.21 -6.74 -24.49
N GLN A 255 -27.74 -7.97 -24.50
CA GLN A 255 -29.03 -8.12 -25.14
C GLN A 255 -30.17 -7.49 -24.34
N THR A 256 -29.91 -7.06 -23.09
CA THR A 256 -30.92 -6.33 -22.31
C THR A 256 -30.81 -4.82 -22.48
N ASP A 257 -29.85 -4.36 -23.30
CA ASP A 257 -29.48 -2.95 -23.37
C ASP A 257 -29.84 -2.42 -24.74
N ALA A 258 -30.53 -1.28 -24.77
CA ALA A 258 -31.01 -0.70 -26.03
C ALA A 258 -29.87 -0.42 -27.01
N ALA A 259 -28.66 -0.17 -26.52
CA ALA A 259 -27.52 0.09 -27.37
C ALA A 259 -26.55 -1.09 -27.39
N GLY A 260 -26.93 -2.22 -26.80
CA GLY A 260 -26.02 -3.34 -26.80
C GLY A 260 -24.87 -3.22 -25.84
N VAL A 261 -24.87 -2.22 -24.95
CA VAL A 261 -23.76 -2.04 -24.02
C VAL A 261 -23.71 -3.20 -23.06
N LYS A 262 -22.52 -3.79 -22.91
CA LYS A 262 -22.34 -4.88 -21.96
C LYS A 262 -21.51 -4.51 -20.74
N ASP A 263 -20.80 -3.39 -20.78
CA ASP A 263 -19.98 -2.99 -19.69
C ASP A 263 -19.29 -1.66 -19.99
N VAL A 264 -18.71 -1.09 -18.94
CA VAL A 264 -17.89 0.09 -19.05
C VAL A 264 -16.58 -0.37 -18.39
N LEU A 265 -15.49 -0.34 -19.15
CA LEU A 265 -14.18 -0.76 -18.69
C LEU A 265 -13.37 0.46 -18.24
N MET A 266 -13.05 0.52 -16.97
CA MET A 266 -12.37 1.66 -16.43
C MET A 266 -10.85 1.52 -16.28
N GLU A 267 -10.10 2.55 -16.66
CA GLU A 267 -8.70 2.59 -16.38
C GLU A 267 -8.74 2.84 -14.88
N ALA A 268 -8.10 1.97 -14.15
CA ALA A 268 -8.17 1.99 -12.75
C ALA A 268 -6.89 2.04 -11.91
N ALA A 269 -6.23 0.92 -11.73
CA ALA A 269 -5.08 0.91 -10.82
C ALA A 269 -3.93 1.36 -11.73
N LEU A 270 -3.62 2.64 -11.73
CA LEU A 270 -2.52 3.11 -12.58
C LEU A 270 -1.20 2.52 -12.14
N THR A 271 -1.02 2.38 -10.85
CA THR A 271 0.18 1.86 -10.29
C THR A 271 -0.16 0.88 -9.19
N THR A 272 0.76 -0.03 -8.91
CA THR A 272 0.62 -1.01 -7.87
C THR A 272 1.92 -1.17 -7.14
N ILE A 273 1.83 -1.26 -5.83
CA ILE A 273 2.96 -1.49 -4.98
C ILE A 273 2.96 -2.99 -4.62
N MET A 274 3.94 -3.71 -5.14
CA MET A 274 4.10 -5.12 -4.87
C MET A 274 4.86 -5.13 -3.55
N ASP A 275 4.18 -5.51 -2.50
CA ASP A 275 4.70 -5.41 -1.16
C ASP A 275 5.51 -6.55 -0.60
N CYS A 276 6.65 -6.21 -0.04
CA CYS A 276 7.49 -7.16 0.63
C CYS A 276 7.49 -6.83 2.14
N GLU A 277 6.73 -5.81 2.56
CA GLU A 277 6.82 -5.34 3.95
C GLU A 277 5.64 -5.64 4.88
N ASP A 278 4.64 -4.76 4.98
CA ASP A 278 3.74 -4.80 6.13
C ASP A 278 2.62 -5.80 5.83
N SER A 279 2.37 -6.16 4.57
CA SER A 279 1.30 -7.10 4.26
C SER A 279 1.77 -8.55 4.06
N VAL A 280 3.05 -8.86 4.29
CA VAL A 280 3.53 -10.23 4.11
C VAL A 280 4.24 -10.69 5.38
N ALA A 281 4.32 -12.01 5.55
CA ALA A 281 5.06 -12.64 6.64
C ALA A 281 6.21 -13.42 6.02
N ALA A 282 7.43 -12.94 6.22
CA ALA A 282 8.59 -13.58 5.59
C ALA A 282 9.76 -13.45 6.54
N VAL A 283 10.11 -14.55 7.19
CA VAL A 283 10.97 -14.51 8.37
C VAL A 283 12.28 -15.25 8.20
N ASP A 284 12.51 -15.88 7.05
CA ASP A 284 13.74 -16.68 6.84
C ASP A 284 14.02 -16.72 5.35
N ALA A 285 15.12 -17.40 4.98
CA ALA A 285 15.52 -17.39 3.58
C ALA A 285 14.47 -18.05 2.68
N ASP A 286 13.83 -19.11 3.18
CA ASP A 286 12.79 -19.79 2.39
C ASP A 286 11.67 -18.81 2.03
N ASP A 287 11.13 -18.08 3.02
CA ASP A 287 10.10 -17.08 2.74
C ASP A 287 10.59 -15.99 1.80
N LYS A 288 11.81 -15.48 2.02
CA LYS A 288 12.28 -14.38 1.18
C LYS A 288 12.46 -14.83 -0.27
N VAL A 289 12.87 -16.08 -0.49
CA VAL A 289 12.99 -16.55 -1.87
C VAL A 289 11.62 -16.55 -2.55
N VAL A 290 10.56 -16.96 -1.85
CA VAL A 290 9.22 -16.91 -2.45
C VAL A 290 8.85 -15.49 -2.85
N ILE A 291 9.07 -14.51 -1.96
CA ILE A 291 8.89 -13.08 -2.27
C ILE A 291 9.65 -12.70 -3.52
N TYR A 292 10.98 -12.95 -3.52
CA TYR A 292 11.80 -12.50 -4.62
C TYR A 292 11.41 -13.20 -5.93
N ARG A 293 11.01 -14.47 -5.84
CA ARG A 293 10.65 -15.23 -7.05
C ARG A 293 9.40 -14.66 -7.69
N ASN A 294 8.42 -14.19 -6.89
CA ASN A 294 7.24 -13.58 -7.49
C ASN A 294 7.58 -12.24 -8.11
N TRP A 295 8.42 -11.44 -7.46
CA TRP A 295 8.88 -10.20 -8.09
C TRP A 295 9.62 -10.52 -9.39
N LEU A 296 10.40 -11.60 -9.40
CA LEU A 296 11.08 -12.00 -10.63
C LEU A 296 10.08 -12.37 -11.73
N GLY A 297 9.02 -13.11 -11.39
CA GLY A 297 8.01 -13.44 -12.40
C GLY A 297 7.34 -12.19 -12.95
N LEU A 298 7.10 -11.20 -12.11
CA LEU A 298 6.53 -9.96 -12.60
C LEU A 298 7.49 -9.24 -13.54
N MET A 299 8.77 -9.19 -13.19
CA MET A 299 9.76 -8.45 -13.97
C MET A 299 10.13 -9.14 -15.28
N LYS A 300 9.95 -10.46 -15.37
CA LYS A 300 10.15 -11.16 -16.63
C LYS A 300 8.86 -11.33 -17.40
N GLY A 301 7.73 -10.96 -16.80
CA GLY A 301 6.45 -11.12 -17.47
C GLY A 301 5.90 -12.52 -17.50
N ASP A 302 6.52 -13.48 -16.81
CA ASP A 302 6.06 -14.86 -16.91
C ASP A 302 5.37 -15.35 -15.64
N LEU A 303 5.07 -14.48 -14.67
CA LEU A 303 4.27 -14.90 -13.51
C LEU A 303 2.94 -15.50 -13.98
N ALA A 304 2.62 -16.68 -13.46
CA ALA A 304 1.43 -17.36 -13.93
C ALA A 304 0.93 -18.27 -12.82
N GLU A 305 -0.38 -18.47 -12.79
CA GLU A 305 -0.96 -19.35 -11.78
C GLU A 305 -2.13 -20.09 -12.40
N GLU A 306 -2.26 -21.38 -12.09
CA GLU A 306 -3.42 -22.14 -12.55
C GLU A 306 -4.60 -21.85 -11.64
N VAL A 307 -5.75 -21.62 -12.22
CA VAL A 307 -6.89 -21.34 -11.39
C VAL A 307 -8.09 -22.10 -11.92
N SER A 308 -8.91 -22.56 -11.00
CA SER A 308 -10.12 -23.29 -11.36
C SER A 308 -11.28 -22.32 -11.39
N LYS A 309 -11.81 -22.08 -12.57
CA LYS A 309 -12.95 -21.19 -12.74
C LYS A 309 -13.84 -21.99 -13.67
N GLY A 310 -15.16 -21.82 -13.62
CA GLY A 310 -16.04 -22.61 -14.48
C GLY A 310 -15.78 -24.01 -13.98
N GLY A 311 -15.97 -25.04 -14.77
CA GLY A 311 -15.68 -26.36 -14.29
C GLY A 311 -14.23 -26.71 -14.53
N SER A 312 -13.65 -26.06 -15.53
CA SER A 312 -12.29 -26.39 -15.89
C SER A 312 -11.19 -25.50 -15.24
N THR A 313 -10.02 -25.55 -15.82
CA THR A 313 -8.89 -24.83 -15.33
C THR A 313 -8.17 -24.09 -16.39
N PHE A 314 -7.74 -22.87 -16.08
CA PHE A 314 -6.98 -22.10 -17.03
C PHE A 314 -5.81 -21.42 -16.35
N THR A 315 -4.89 -20.89 -17.13
CA THR A 315 -3.72 -20.26 -16.59
C THR A 315 -3.86 -18.74 -16.60
N ARG A 316 -3.85 -18.14 -15.43
CA ARG A 316 -3.90 -16.69 -15.30
C ARG A 316 -2.50 -16.13 -15.54
N THR A 317 -2.40 -15.09 -16.37
CA THR A 317 -1.12 -14.47 -16.75
C THR A 317 -1.29 -12.96 -16.80
N MET A 318 -0.17 -12.26 -16.93
CA MET A 318 -0.20 -10.81 -17.02
C MET A 318 -0.72 -10.38 -18.40
N ASN A 319 -1.69 -9.46 -18.40
CA ASN A 319 -2.37 -9.07 -19.65
C ASN A 319 -1.43 -8.26 -20.56
N PRO A 320 -1.64 -8.34 -21.87
CA PRO A 320 -0.88 -7.52 -22.81
C PRO A 320 -1.44 -6.09 -22.85
N ASP A 321 -0.74 -5.25 -23.60
CA ASP A 321 -1.24 -3.91 -23.89
C ASP A 321 -2.47 -3.98 -24.80
N ARG A 322 -3.23 -2.89 -24.82
CA ARG A 322 -4.52 -2.83 -25.51
C ARG A 322 -4.40 -1.97 -26.76
N VAL A 323 -4.86 -2.51 -27.89
CA VAL A 323 -4.71 -1.87 -29.20
C VAL A 323 -6.07 -1.38 -29.70
N TYR A 324 -6.09 -0.15 -30.22
CA TYR A 324 -7.30 0.48 -30.75
C TYR A 324 -7.01 1.08 -32.11
N THR A 325 -8.05 1.24 -32.92
CA THR A 325 -7.96 1.91 -34.22
C THR A 325 -8.47 3.34 -34.08
N ARG A 326 -7.68 4.32 -34.50
CA ARG A 326 -8.22 5.67 -34.60
C ARG A 326 -8.99 5.82 -35.92
N ALA A 327 -9.85 6.85 -35.99
CA ALA A 327 -10.71 6.99 -37.15
C ALA A 327 -9.90 7.27 -38.42
N ASP A 328 -8.71 7.83 -38.28
CA ASP A 328 -7.84 8.05 -39.44
C ASP A 328 -7.03 6.82 -39.83
N GLY A 329 -7.27 5.66 -39.20
CA GLY A 329 -6.57 4.43 -39.55
C GLY A 329 -5.25 4.21 -38.83
N SER A 330 -4.80 5.16 -38.00
CA SER A 330 -3.63 4.91 -37.17
C SER A 330 -3.99 4.01 -35.99
N GLU A 331 -2.95 3.48 -35.36
CA GLU A 331 -3.09 2.58 -34.21
C GLU A 331 -2.75 3.30 -32.92
N LEU A 332 -3.57 3.07 -31.90
CA LEU A 332 -3.35 3.62 -30.57
C LEU A 332 -3.20 2.45 -29.59
N THR A 333 -2.10 2.45 -28.83
CA THR A 333 -1.84 1.39 -27.84
C THR A 333 -1.84 2.01 -26.45
N LEU A 334 -2.57 1.39 -25.53
CA LEU A 334 -2.60 1.78 -24.12
C LEU A 334 -1.95 0.70 -23.28
N HIS A 335 -1.28 1.11 -22.20
CA HIS A 335 -0.67 0.14 -21.29
C HIS A 335 -1.77 -0.73 -20.70
N GLY A 336 -1.58 -2.06 -20.78
CA GLY A 336 -2.56 -3.02 -20.27
C GLY A 336 -2.44 -3.34 -18.80
N ARG A 337 -1.37 -2.89 -18.15
CA ARG A 337 -1.01 -3.37 -16.82
C ARG A 337 -0.73 -2.19 -15.89
N SER A 338 -0.80 -2.42 -14.58
CA SER A 338 -0.45 -1.35 -13.66
C SER A 338 1.07 -1.24 -13.61
N LEU A 339 1.54 0.00 -13.47
CA LEU A 339 2.96 0.24 -13.36
C LEU A 339 3.37 -0.19 -11.98
N LEU A 340 4.41 -1.01 -11.89
CA LEU A 340 4.81 -1.60 -10.63
C LEU A 340 5.96 -0.97 -9.88
N PHE A 341 5.69 -0.82 -8.59
CA PHE A 341 6.65 -0.42 -7.60
C PHE A 341 6.91 -1.68 -6.78
N VAL A 342 8.02 -1.72 -6.06
CA VAL A 342 8.23 -2.82 -5.13
C VAL A 342 8.50 -2.15 -3.78
N ARG A 343 7.79 -2.56 -2.73
CA ARG A 343 8.05 -2.03 -1.41
C ARG A 343 9.07 -2.86 -0.64
N ASN A 344 10.30 -2.40 -0.55
CA ASN A 344 11.30 -3.07 0.27
C ASN A 344 10.99 -2.89 1.75
N VAL A 345 11.57 -3.75 2.60
CA VAL A 345 11.47 -3.45 4.04
C VAL A 345 12.37 -2.25 4.36
N GLY A 346 12.11 -1.66 5.55
CA GLY A 346 12.85 -0.51 6.03
C GLY A 346 14.12 -0.89 6.77
N HIS A 347 14.71 0.08 7.44
CA HIS A 347 16.00 -0.06 8.08
C HIS A 347 16.12 -0.92 9.33
N LEU A 348 15.01 -1.27 9.97
CA LEU A 348 15.09 -2.03 11.22
C LEU A 348 15.64 -3.44 11.27
N MET A 349 14.96 -4.32 10.57
CA MET A 349 15.26 -5.73 10.68
C MET A 349 16.47 -6.31 9.99
N THR A 350 16.97 -7.39 10.57
CA THR A 350 18.00 -8.19 9.98
C THR A 350 17.37 -9.57 9.81
N ASN A 351 18.04 -10.45 9.09
CA ASN A 351 17.63 -11.82 8.98
C ASN A 351 18.86 -12.71 8.83
N ASP A 352 18.70 -14.00 9.04
CA ASP A 352 19.85 -14.88 8.93
C ASP A 352 19.93 -15.59 7.58
N ALA A 353 19.28 -15.03 6.55
CA ALA A 353 19.50 -15.53 5.20
C ALA A 353 20.93 -15.25 4.75
N ILE A 354 21.55 -14.22 5.32
CA ILE A 354 22.95 -13.91 5.07
C ILE A 354 23.58 -13.53 6.40
N LEU A 355 24.74 -14.11 6.71
CA LEU A 355 25.58 -13.65 7.80
C LEU A 355 26.83 -12.99 7.24
N ASP A 356 27.31 -11.93 7.92
CA ASP A 356 28.53 -11.27 7.48
C ASP A 356 29.76 -11.97 8.05
N LYS A 357 30.92 -11.37 7.79
CA LYS A 357 32.18 -12.00 8.14
C LYS A 357 32.37 -12.16 9.64
N ASP A 358 31.63 -11.40 10.45
CA ASP A 358 31.65 -11.54 11.90
C ASP A 358 30.57 -12.48 12.43
N GLY A 359 29.85 -13.16 11.54
CA GLY A 359 28.73 -13.99 11.94
C GLY A 359 27.47 -13.25 12.30
N ASN A 360 27.37 -11.97 12.01
CA ASN A 360 26.17 -11.21 12.37
C ASN A 360 25.16 -11.24 11.23
N GLU A 361 23.88 -11.24 11.60
CA GLU A 361 22.82 -11.14 10.61
C GLU A 361 22.93 -9.86 9.81
N VAL A 362 22.60 -9.93 8.52
CA VAL A 362 22.67 -8.81 7.60
C VAL A 362 21.33 -8.06 7.53
N PRO A 363 21.34 -6.72 7.56
CA PRO A 363 20.08 -5.96 7.48
C PRO A 363 19.23 -6.36 6.28
N GLU A 364 17.95 -6.58 6.54
CA GLU A 364 17.02 -7.05 5.52
C GLU A 364 16.76 -5.99 4.46
N GLY A 365 16.75 -4.71 4.85
CA GLY A 365 16.57 -3.64 3.88
C GLY A 365 17.70 -3.58 2.87
N ILE A 366 18.94 -3.75 3.34
CA ILE A 366 20.07 -3.79 2.42
C ILE A 366 19.90 -4.96 1.45
N GLN A 367 19.55 -6.14 1.97
CA GLN A 367 19.31 -7.29 1.10
C GLN A 367 18.22 -7.01 0.06
N ASP A 368 17.07 -6.49 0.51
CA ASP A 368 15.98 -6.22 -0.44
C ASP A 368 16.43 -5.29 -1.56
N GLY A 369 17.19 -4.23 -1.21
CA GLY A 369 17.66 -3.32 -2.25
C GLY A 369 18.54 -4.01 -3.28
N LEU A 370 19.47 -4.85 -2.83
CA LEU A 370 20.30 -5.61 -3.76
C LEU A 370 19.48 -6.54 -4.62
N PHE A 371 18.63 -7.37 -3.99
CA PHE A 371 17.96 -8.45 -4.71
C PHE A 371 16.82 -7.92 -5.60
N THR A 372 16.00 -6.98 -5.08
CA THR A 372 14.89 -6.53 -5.92
C THR A 372 15.38 -5.68 -7.08
N SER A 373 16.52 -4.98 -6.91
CA SER A 373 17.09 -4.21 -8.02
C SER A 373 17.74 -5.12 -9.05
N LEU A 374 18.48 -6.15 -8.60
CA LEU A 374 19.03 -7.13 -9.52
C LEU A 374 17.93 -7.70 -10.38
N ILE A 375 16.83 -8.10 -9.75
CA ILE A 375 15.71 -8.72 -10.46
C ILE A 375 15.10 -7.74 -11.45
N ALA A 376 15.01 -6.47 -11.06
CA ALA A 376 14.42 -5.47 -11.95
C ALA A 376 15.25 -5.25 -13.21
N ILE A 377 16.50 -5.71 -13.25
CA ILE A 377 17.27 -5.56 -14.49
C ILE A 377 16.57 -6.25 -15.66
N HIS A 378 15.81 -7.31 -15.38
CA HIS A 378 15.08 -7.96 -16.48
C HIS A 378 14.13 -7.00 -17.18
N ASP A 379 13.53 -6.07 -16.42
CA ASP A 379 12.72 -5.04 -17.07
C ASP A 379 13.60 -4.03 -17.79
N LEU A 380 14.66 -3.56 -17.12
CA LEU A 380 15.50 -2.49 -17.66
C LEU A 380 16.16 -2.87 -18.98
N ASN A 381 16.58 -4.12 -19.12
CA ASN A 381 17.30 -4.53 -20.34
C ASN A 381 16.41 -5.25 -21.33
N GLY A 382 15.09 -5.28 -21.10
CA GLY A 382 14.16 -5.86 -22.03
C GLY A 382 14.08 -7.37 -22.01
N ASN A 383 14.73 -8.02 -21.05
CA ASN A 383 14.64 -9.47 -20.88
C ASN A 383 13.33 -9.85 -20.19
N THR A 384 12.22 -9.53 -20.87
CA THR A 384 10.89 -9.68 -20.29
C THR A 384 9.88 -9.75 -21.42
N SER A 385 8.76 -10.41 -21.16
CA SER A 385 7.65 -10.36 -22.12
C SER A 385 6.59 -9.34 -21.73
N ARG A 386 6.81 -8.57 -20.65
CA ARG A 386 5.81 -7.60 -20.16
C ARG A 386 6.59 -6.42 -19.58
N LYS A 387 6.80 -5.40 -20.40
CA LYS A 387 7.57 -4.24 -19.97
C LYS A 387 6.88 -3.53 -18.80
N ASN A 388 7.68 -3.05 -17.85
CA ASN A 388 7.12 -2.28 -16.74
C ASN A 388 7.40 -0.79 -16.97
N SER A 389 8.60 -0.32 -16.64
CA SER A 389 8.95 1.07 -16.88
C SER A 389 9.24 1.28 -18.38
N ARG A 390 8.75 2.40 -18.92
CA ARG A 390 9.12 2.84 -20.27
C ARG A 390 10.18 3.93 -20.25
N THR A 391 10.78 4.21 -19.09
CA THR A 391 11.72 5.30 -18.91
C THR A 391 13.05 4.87 -18.30
N GLY A 392 13.27 3.57 -18.08
CA GLY A 392 14.52 3.11 -17.49
C GLY A 392 14.64 3.31 -15.99
N SER A 393 13.51 3.27 -15.26
CA SER A 393 13.50 3.43 -13.81
C SER A 393 13.01 2.17 -13.13
N VAL A 394 13.47 2.00 -11.89
CA VAL A 394 12.93 1.03 -10.94
C VAL A 394 12.34 1.84 -9.80
N TYR A 395 11.17 1.45 -9.30
CA TYR A 395 10.46 2.25 -8.31
C TYR A 395 10.39 1.49 -6.98
N ILE A 396 11.20 1.90 -6.01
CA ILE A 396 11.27 1.20 -4.73
C ILE A 396 10.62 2.06 -3.65
N VAL A 397 9.62 1.51 -2.95
CA VAL A 397 9.05 2.19 -1.79
C VAL A 397 9.90 1.86 -0.58
N LYS A 398 10.32 2.90 0.15
CA LYS A 398 11.13 2.70 1.35
C LYS A 398 10.30 3.16 2.54
N PRO A 399 9.86 2.25 3.39
CA PRO A 399 8.96 2.60 4.51
C PRO A 399 9.73 2.88 5.79
N LYS A 400 8.99 3.45 6.74
CA LYS A 400 9.40 3.50 8.16
C LYS A 400 10.73 4.21 8.40
N MET A 401 11.09 5.18 7.55
CA MET A 401 12.29 5.98 7.83
C MET A 401 12.01 7.06 8.87
N HIS A 402 13.04 7.35 9.68
CA HIS A 402 13.00 8.36 10.75
C HIS A 402 14.01 9.47 10.46
N GLY A 403 13.58 10.54 9.81
CA GLY A 403 14.40 11.73 9.67
C GLY A 403 15.30 11.71 8.44
N PRO A 404 15.95 12.85 8.17
CA PRO A 404 16.64 13.00 6.88
C PRO A 404 17.95 12.25 6.78
N GLU A 405 18.63 11.97 7.91
CA GLU A 405 19.84 11.15 7.80
C GLU A 405 19.50 9.73 7.33
N GLU A 406 18.35 9.20 7.72
CA GLU A 406 17.92 7.89 7.24
C GLU A 406 17.50 7.95 5.78
N ALA A 407 16.93 9.08 5.34
CA ALA A 407 16.67 9.24 3.91
C ALA A 407 17.99 9.30 3.14
N ALA A 408 18.98 10.02 3.64
CA ALA A 408 20.28 10.05 2.97
C ALA A 408 20.90 8.66 2.93
N PHE A 409 20.66 7.83 3.94
CA PHE A 409 21.24 6.49 3.92
C PHE A 409 20.59 5.63 2.84
N THR A 410 19.27 5.77 2.66
CA THR A 410 18.62 5.12 1.52
C THR A 410 19.20 5.61 0.20
N ASN A 411 19.39 6.92 0.07
CA ASN A 411 20.02 7.45 -1.15
C ASN A 411 21.40 6.85 -1.37
N GLU A 412 22.20 6.75 -0.30
CA GLU A 412 23.51 6.14 -0.39
C GLU A 412 23.42 4.66 -0.75
N LEU A 413 22.55 3.92 -0.06
CA LEU A 413 22.34 2.51 -0.39
C LEU A 413 21.99 2.31 -1.86
N PHE A 414 21.01 3.06 -2.35
CA PHE A 414 20.59 2.90 -3.74
C PHE A 414 21.76 3.19 -4.71
N GLY A 415 22.57 4.21 -4.42
CA GLY A 415 23.72 4.47 -5.27
C GLY A 415 24.72 3.32 -5.26
N ARG A 416 24.93 2.72 -4.09
CA ARG A 416 25.88 1.60 -4.01
C ARG A 416 25.35 0.38 -4.73
N VAL A 417 24.03 0.14 -4.64
CA VAL A 417 23.41 -0.94 -5.41
C VAL A 417 23.60 -0.71 -6.91
N GLU A 418 23.35 0.51 -7.36
CA GLU A 418 23.58 0.85 -8.78
C GLU A 418 25.01 0.53 -9.19
N ASP A 419 25.99 0.89 -8.34
CA ASP A 419 27.38 0.64 -8.69
C ASP A 419 27.67 -0.85 -8.82
N VAL A 420 27.15 -1.66 -7.88
CA VAL A 420 27.30 -3.12 -7.95
C VAL A 420 26.77 -3.67 -9.27
N LEU A 421 25.61 -3.20 -9.71
CA LEU A 421 24.88 -3.72 -10.84
C LEU A 421 25.23 -3.04 -12.16
N GLY A 422 26.05 -1.99 -12.13
CA GLY A 422 26.35 -1.28 -13.36
C GLY A 422 25.20 -0.46 -13.90
N LEU A 423 24.29 -0.02 -13.04
CA LEU A 423 23.14 0.77 -13.47
C LEU A 423 23.48 2.26 -13.54
N PRO A 424 22.89 3.03 -14.47
CA PRO A 424 23.10 4.48 -14.45
C PRO A 424 22.68 5.09 -13.12
N ARG A 425 23.40 6.13 -12.70
CA ARG A 425 23.06 6.82 -11.46
C ARG A 425 21.60 7.26 -11.46
N ASN A 426 20.91 7.02 -10.35
CA ASN A 426 19.53 7.42 -10.09
C ASN A 426 18.51 6.59 -10.85
N THR A 427 18.93 5.47 -11.46
CA THR A 427 17.99 4.46 -11.94
C THR A 427 16.97 4.09 -10.86
N LEU A 428 17.44 3.88 -9.64
CA LEU A 428 16.58 3.41 -8.55
C LEU A 428 15.86 4.59 -7.91
N LYS A 429 14.58 4.69 -8.16
CA LYS A 429 13.76 5.77 -7.64
C LYS A 429 13.18 5.32 -6.31
N VAL A 430 12.79 6.29 -5.48
CA VAL A 430 12.31 5.98 -4.13
C VAL A 430 10.94 6.62 -3.91
N GLY A 431 10.00 5.81 -3.44
CA GLY A 431 8.76 6.29 -2.86
C GLY A 431 8.91 6.41 -1.35
N ILE A 432 8.85 7.64 -0.86
CA ILE A 432 9.17 7.93 0.54
C ILE A 432 7.88 7.83 1.34
N MET A 433 7.79 6.86 2.24
CA MET A 433 6.66 6.87 3.17
C MET A 433 6.88 7.94 4.24
N ASP A 434 5.86 8.77 4.46
CA ASP A 434 5.85 9.75 5.55
C ASP A 434 5.00 9.11 6.64
N GLU A 435 5.64 8.33 7.51
CA GLU A 435 4.85 7.54 8.47
C GLU A 435 5.54 7.41 9.82
N GLU A 436 6.49 8.29 10.13
CA GLU A 436 7.16 8.33 11.42
C GLU A 436 7.35 9.78 11.79
N ARG A 437 7.22 10.09 13.09
CA ARG A 437 7.20 11.48 13.52
C ARG A 437 8.47 12.23 13.12
N ARG A 438 9.64 11.59 13.28
CA ARG A 438 10.87 12.29 12.96
C ARG A 438 11.00 12.60 11.48
N THR A 439 10.27 11.90 10.61
CA THR A 439 10.20 12.26 9.21
C THR A 439 9.20 13.38 8.97
N THR A 440 7.98 13.24 9.51
CA THR A 440 6.96 14.29 9.37
C THR A 440 7.50 15.67 9.72
N VAL A 441 8.09 15.82 10.91
CA VAL A 441 8.49 17.16 11.37
C VAL A 441 9.76 17.67 10.70
N ASN A 442 10.40 16.86 9.85
CA ASN A 442 11.60 17.20 9.09
C ASN A 442 11.39 16.89 7.60
N LEU A 443 10.15 16.95 7.12
CA LEU A 443 9.82 16.26 5.87
C LEU A 443 10.56 16.87 4.69
N LYS A 444 10.62 18.20 4.65
CA LYS A 444 11.28 18.85 3.53
C LYS A 444 12.73 18.39 3.41
N ALA A 445 13.43 18.31 4.55
CA ALA A 445 14.82 17.83 4.54
C ALA A 445 14.91 16.36 4.12
N CYS A 446 13.93 15.53 4.50
CA CYS A 446 13.93 14.14 4.07
C CYS A 446 13.81 14.01 2.55
N ILE A 447 12.88 14.76 1.95
CA ILE A 447 12.79 14.76 0.48
C ILE A 447 14.09 15.25 -0.13
N LYS A 448 14.68 16.31 0.43
CA LYS A 448 15.89 16.89 -0.12
C LYS A 448 17.03 15.87 -0.17
N ALA A 449 17.09 15.00 0.84
CA ALA A 449 18.14 13.99 0.93
C ALA A 449 18.09 12.99 -0.23
N ALA A 450 16.95 12.86 -0.89
CA ALA A 450 16.81 11.97 -2.04
C ALA A 450 16.18 12.72 -3.20
N LYS A 451 16.58 13.99 -3.38
CA LYS A 451 15.82 14.89 -4.24
C LYS A 451 15.89 14.51 -5.72
N ASP A 452 16.87 13.72 -6.15
CA ASP A 452 16.94 13.26 -7.53
C ASP A 452 16.41 11.85 -7.72
N ARG A 453 15.91 11.23 -6.66
CA ARG A 453 15.33 9.89 -6.73
C ARG A 453 13.82 9.83 -6.38
N VAL A 454 13.35 10.84 -5.70
CA VAL A 454 11.98 10.84 -5.21
C VAL A 454 10.91 10.76 -6.28
N VAL A 455 10.02 9.78 -6.13
CA VAL A 455 8.90 9.59 -7.04
C VAL A 455 7.55 9.62 -6.32
N PHE A 456 7.61 9.67 -5.01
CA PHE A 456 6.45 9.87 -4.17
C PHE A 456 6.72 10.15 -2.71
N ILE A 457 5.73 10.76 -2.11
CA ILE A 457 5.59 10.92 -0.71
C ILE A 457 4.14 10.45 -0.45
N ASN A 458 3.96 9.76 0.64
CA ASN A 458 2.67 9.23 1.03
C ASN A 458 2.49 9.17 2.52
N THR A 459 1.34 9.59 3.01
CA THR A 459 1.10 9.59 4.44
C THR A 459 0.57 8.26 5.02
N GLY A 460 1.48 7.34 5.35
CA GLY A 460 1.10 6.08 5.96
C GLY A 460 0.63 6.58 7.31
N PHE A 461 -0.68 6.75 7.45
CA PHE A 461 -1.24 7.37 8.65
C PHE A 461 -1.38 6.38 9.80
N LEU A 462 -1.46 5.07 9.52
CA LEU A 462 -1.60 4.11 10.61
C LEU A 462 -0.26 3.85 11.29
N ASP A 463 0.78 3.56 10.53
CA ASP A 463 2.11 3.51 11.13
C ASP A 463 2.40 4.81 11.86
N ARG A 464 1.97 5.93 11.29
CA ARG A 464 2.30 7.22 11.87
C ARG A 464 1.65 7.39 13.24
N THR A 465 0.44 6.85 13.40
CA THR A 465 -0.24 6.86 14.70
C THR A 465 0.45 5.94 15.68
N GLY A 466 0.95 4.80 15.19
CA GLY A 466 1.74 3.92 16.03
C GLY A 466 2.98 4.61 16.57
N ASP A 467 3.71 5.32 15.69
CA ASP A 467 4.89 6.05 16.15
C ASP A 467 4.49 7.15 17.12
N GLU A 468 3.35 7.79 16.87
CA GLU A 468 2.90 8.85 17.76
C GLU A 468 2.71 8.32 19.18
N ILE A 469 2.07 7.15 19.31
CA ILE A 469 1.84 6.58 20.63
C ILE A 469 3.15 6.18 21.28
N HIS A 470 4.04 5.50 20.55
CA HIS A 470 5.26 5.03 21.20
C HIS A 470 6.13 6.22 21.60
N THR A 471 6.20 7.24 20.76
CA THR A 471 7.12 8.33 21.02
C THR A 471 6.76 9.06 22.32
N SER A 472 5.47 9.29 22.54
CA SER A 472 5.01 9.95 23.77
C SER A 472 4.48 8.95 24.79
N MET A 473 4.97 7.71 24.72
CA MET A 473 4.52 6.66 25.64
C MET A 473 4.53 7.13 27.10
N GLU A 474 5.59 7.84 27.51
CA GLU A 474 5.77 8.22 28.90
C GLU A 474 5.05 9.52 29.26
N ALA A 475 4.46 10.20 28.29
CA ALA A 475 3.85 11.51 28.56
C ALA A 475 2.53 11.36 29.32
N GLY A 476 1.76 10.32 29.06
CA GLY A 476 0.46 10.16 29.67
C GLY A 476 -0.39 9.24 28.83
N ALA A 477 -1.65 9.09 29.24
CA ALA A 477 -2.55 8.19 28.53
C ALA A 477 -3.11 8.86 27.29
N VAL A 478 -3.04 8.16 26.16
CA VAL A 478 -3.50 8.73 24.88
C VAL A 478 -4.99 8.49 24.74
N VAL A 479 -5.61 9.18 23.79
CA VAL A 479 -7.04 9.03 23.57
C VAL A 479 -7.35 7.66 22.96
N ARG A 480 -8.61 7.29 23.01
CA ARG A 480 -9.06 6.05 22.39
C ARG A 480 -8.71 6.05 20.92
N LYS A 481 -8.57 4.84 20.37
CA LYS A 481 -8.07 4.69 19.01
C LYS A 481 -8.97 5.41 18.00
N GLY A 482 -10.29 5.30 18.19
CA GLY A 482 -11.23 5.98 17.31
C GLY A 482 -11.27 7.49 17.49
N ALA A 483 -10.69 8.01 18.57
CA ALA A 483 -10.61 9.46 18.77
C ALA A 483 -9.42 10.09 18.03
N MET A 484 -8.47 9.29 17.56
CA MET A 484 -7.26 9.87 16.97
C MET A 484 -7.58 10.73 15.76
N LYS A 485 -8.49 10.28 14.89
CA LYS A 485 -8.78 11.01 13.67
C LYS A 485 -9.22 12.44 13.94
N SER A 486 -9.65 12.77 15.14
CA SER A 486 -10.06 14.13 15.45
C SER A 486 -9.05 14.97 16.19
N GLU A 487 -7.92 14.38 16.54
CA GLU A 487 -6.90 15.09 17.24
C GLU A 487 -6.20 16.08 16.31
N LYS A 488 -5.63 17.12 16.89
CA LYS A 488 -5.00 18.16 16.15
C LYS A 488 -3.86 17.72 15.26
N TRP A 489 -3.04 16.86 15.80
CA TRP A 489 -1.86 16.47 15.11
C TRP A 489 -2.06 15.84 13.76
N ILE A 490 -3.10 15.03 13.63
CA ILE A 490 -3.16 14.18 12.45
C ILE A 490 -3.61 14.96 11.22
N GLY A 491 -4.51 15.93 11.39
CA GLY A 491 -4.88 16.78 10.27
C GLY A 491 -3.73 17.63 9.80
N ALA A 492 -2.95 18.15 10.74
CA ALA A 492 -1.77 18.93 10.37
C ALA A 492 -0.73 18.05 9.67
N TYR A 493 -0.57 16.82 10.15
CA TYR A 493 0.31 15.84 9.50
C TYR A 493 -0.09 15.59 8.03
N GLU A 494 -1.38 15.36 7.79
CA GLU A 494 -1.83 15.14 6.42
C GLU A 494 -1.62 16.37 5.54
N ASN A 495 -1.98 17.54 6.05
CA ASN A 495 -1.86 18.75 5.24
C ASN A 495 -0.41 19.12 5.03
N ASN A 496 0.42 18.96 6.06
CA ASN A 496 1.85 19.20 5.92
C ASN A 496 2.43 18.44 4.74
N ASN A 497 2.04 17.18 4.58
CA ASN A 497 2.62 16.34 3.53
C ASN A 497 2.32 16.92 2.16
N VAL A 498 1.06 17.31 1.92
CA VAL A 498 0.68 17.96 0.67
C VAL A 498 1.42 19.29 0.49
N ASP A 499 1.44 20.12 1.54
CA ASP A 499 2.09 21.43 1.45
C ASP A 499 3.56 21.29 1.10
N VAL A 500 4.27 20.37 1.75
CA VAL A 500 5.69 20.21 1.43
C VAL A 500 5.85 19.61 0.05
N GLY A 501 5.02 18.63 -0.30
CA GLY A 501 5.09 18.04 -1.64
C GLY A 501 4.96 19.08 -2.73
N LEU A 502 3.98 19.98 -2.59
CA LEU A 502 3.80 21.03 -3.60
C LEU A 502 4.95 22.02 -3.58
N ALA A 503 5.45 22.37 -2.39
CA ALA A 503 6.49 23.38 -2.27
C ALA A 503 7.85 22.90 -2.76
N THR A 504 8.07 21.59 -2.80
CA THR A 504 9.34 21.04 -3.24
C THR A 504 9.32 20.58 -4.69
N GLY A 505 8.28 20.92 -5.44
CA GLY A 505 8.29 20.68 -6.87
C GLY A 505 7.91 19.27 -7.28
N LEU A 506 7.18 18.53 -6.44
CA LEU A 506 6.83 17.17 -6.83
C LEU A 506 5.83 17.15 -7.98
N GLN A 507 5.02 18.17 -8.13
CA GLN A 507 4.06 18.17 -9.21
C GLN A 507 4.73 18.04 -10.55
N GLY A 508 4.31 17.03 -11.28
CA GLY A 508 4.85 16.77 -12.56
C GLY A 508 6.01 15.84 -12.55
N LYS A 509 6.48 15.44 -11.38
CA LYS A 509 7.59 14.53 -11.28
C LYS A 509 7.36 13.31 -10.39
N ALA A 510 6.40 13.43 -9.50
CA ALA A 510 6.12 12.43 -8.49
C ALA A 510 4.71 12.49 -7.96
N GLN A 511 4.34 11.48 -7.19
CA GLN A 511 3.05 11.44 -6.59
C GLN A 511 3.08 12.03 -5.19
N ILE A 512 1.96 12.61 -4.80
CA ILE A 512 1.65 13.06 -3.48
C ILE A 512 0.48 12.13 -3.18
N GLY A 513 0.68 11.19 -2.29
CA GLY A 513 -0.35 10.21 -2.04
C GLY A 513 -0.88 10.08 -0.64
N LYS A 514 -2.05 9.48 -0.53
CA LYS A 514 -2.67 9.23 0.74
C LYS A 514 -2.98 7.76 0.99
N GLY A 515 -3.41 7.48 2.20
CA GLY A 515 -3.60 6.17 2.75
C GLY A 515 -4.63 5.18 2.31
N MET A 516 -4.62 4.04 2.97
CA MET A 516 -5.40 2.89 2.53
C MET A 516 -6.84 2.94 3.04
N TRP A 517 -7.81 2.62 2.16
CA TRP A 517 -9.15 2.30 2.63
C TRP A 517 -9.14 0.89 3.18
N ALA A 518 -9.49 0.75 4.46
CA ALA A 518 -9.26 -0.50 5.18
C ALA A 518 -10.54 -1.29 5.46
N MET A 519 -11.66 -0.98 4.79
CA MET A 519 -12.92 -1.70 4.99
C MET A 519 -13.34 -2.32 3.67
N PRO A 520 -12.80 -3.51 3.35
CA PRO A 520 -12.89 -4.02 1.97
C PRO A 520 -14.29 -4.27 1.46
N ASP A 521 -15.26 -4.50 2.33
CA ASP A 521 -16.62 -4.77 1.90
C ASP A 521 -17.52 -3.55 2.01
N LEU A 522 -17.02 -2.44 2.56
CA LEU A 522 -17.79 -1.20 2.67
C LEU A 522 -17.43 -0.28 1.50
N MET A 523 -17.82 -0.72 0.30
CA MET A 523 -17.51 0.01 -0.93
C MET A 523 -18.43 1.21 -1.14
N ALA A 524 -19.69 1.14 -0.69
CA ALA A 524 -20.52 2.33 -0.74
C ALA A 524 -19.92 3.43 0.13
N ALA A 525 -19.48 3.07 1.34
CA ALA A 525 -18.81 4.03 2.20
C ALA A 525 -17.53 4.55 1.57
N MET A 526 -16.75 3.68 0.93
CA MET A 526 -15.54 4.17 0.27
C MET A 526 -15.88 5.21 -0.81
N LEU A 527 -16.91 4.92 -1.61
CA LEU A 527 -17.29 5.87 -2.66
C LEU A 527 -17.74 7.20 -2.07
N GLU A 528 -18.44 7.16 -0.95
CA GLU A 528 -18.84 8.40 -0.31
C GLU A 528 -17.65 9.16 0.24
N GLN A 529 -16.74 8.48 0.92
CA GLN A 529 -15.76 9.17 1.76
C GLN A 529 -14.42 9.43 1.07
N LYS A 530 -13.94 8.52 0.24
CA LYS A 530 -12.55 8.62 -0.22
C LYS A 530 -12.36 9.66 -1.31
N ILE A 531 -13.44 10.29 -1.79
CA ILE A 531 -13.27 11.50 -2.59
C ILE A 531 -12.47 12.56 -1.85
N GLY A 532 -12.43 12.48 -0.52
CA GLY A 532 -11.62 13.42 0.23
C GLY A 532 -10.14 13.38 -0.13
N HIS A 533 -9.65 12.22 -0.65
CA HIS A 533 -8.22 12.14 -0.94
C HIS A 533 -7.86 12.96 -2.18
N PRO A 534 -8.55 12.82 -3.31
CA PRO A 534 -8.23 13.75 -4.42
C PRO A 534 -8.57 15.19 -4.08
N LEU A 535 -9.63 15.44 -3.29
CA LEU A 535 -9.93 16.81 -2.89
C LEU A 535 -8.81 17.40 -2.03
N ALA A 536 -8.00 16.57 -1.38
CA ALA A 536 -6.86 17.04 -0.60
C ALA A 536 -5.64 17.30 -1.48
N GLY A 537 -5.75 17.13 -2.80
CA GLY A 537 -4.61 17.37 -3.66
C GLY A 537 -3.66 16.21 -3.82
N ALA A 538 -4.04 15.02 -3.41
CA ALA A 538 -3.23 13.84 -3.65
C ALA A 538 -3.56 13.27 -5.02
N ASN A 539 -2.55 13.05 -5.86
CA ASN A 539 -2.86 12.47 -7.15
C ASN A 539 -2.86 10.95 -7.12
N THR A 540 -2.73 10.34 -5.93
CA THR A 540 -3.05 8.93 -5.76
C THR A 540 -3.37 8.65 -4.30
N ALA A 541 -4.00 7.51 -4.07
CA ALA A 541 -4.32 7.05 -2.72
C ALA A 541 -4.54 5.54 -2.78
N TRP A 542 -4.36 4.90 -1.63
CA TRP A 542 -4.25 3.45 -1.61
C TRP A 542 -5.62 2.77 -1.52
N VAL A 543 -5.75 1.70 -2.29
CA VAL A 543 -6.93 0.83 -2.27
C VAL A 543 -6.47 -0.62 -2.09
N PRO A 544 -7.32 -1.47 -1.52
CA PRO A 544 -6.92 -2.82 -1.14
C PRO A 544 -7.13 -3.88 -2.21
N SER A 545 -7.86 -3.60 -3.28
CA SER A 545 -8.26 -4.66 -4.20
C SER A 545 -8.46 -4.08 -5.58
N PRO A 546 -8.40 -4.90 -6.62
CA PRO A 546 -8.80 -4.41 -7.96
C PRO A 546 -10.19 -3.82 -8.00
N THR A 547 -11.17 -4.46 -7.35
CA THR A 547 -12.52 -3.89 -7.29
C THR A 547 -12.51 -2.49 -6.68
N ALA A 548 -11.80 -2.30 -5.57
CA ALA A 548 -11.75 -0.96 -4.98
C ALA A 548 -11.01 0.02 -5.87
N ALA A 549 -10.01 -0.44 -6.66
CA ALA A 549 -9.38 0.46 -7.62
C ALA A 549 -10.37 0.94 -8.68
N THR A 550 -11.17 0.03 -9.24
CA THR A 550 -12.18 0.39 -10.23
C THR A 550 -13.15 1.43 -9.66
N LEU A 551 -13.59 1.24 -8.41
CA LEU A 551 -14.53 2.18 -7.83
C LEU A 551 -13.86 3.50 -7.44
N HIS A 552 -12.67 3.47 -6.82
CA HIS A 552 -12.00 4.72 -6.47
C HIS A 552 -11.62 5.53 -7.71
N ALA A 553 -11.48 4.87 -8.87
CA ALA A 553 -11.20 5.63 -10.09
C ALA A 553 -12.31 6.63 -10.38
N LEU A 554 -13.56 6.31 -9.99
CA LEU A 554 -14.67 7.23 -10.21
C LEU A 554 -14.40 8.59 -9.58
N HIS A 555 -13.69 8.62 -8.44
CA HIS A 555 -13.43 9.88 -7.75
C HIS A 555 -12.56 10.82 -8.61
N TYR A 556 -11.63 10.26 -9.37
CA TYR A 556 -10.73 11.08 -10.17
C TYR A 556 -11.44 11.66 -11.38
N HIS A 557 -12.62 11.15 -11.69
CA HIS A 557 -13.48 11.77 -12.70
C HIS A 557 -14.37 12.86 -12.12
N LYS A 558 -14.50 12.93 -10.80
CA LYS A 558 -15.25 14.00 -10.15
C LYS A 558 -14.36 15.16 -9.71
N VAL A 559 -13.06 14.91 -9.52
CA VAL A 559 -12.13 15.93 -9.04
C VAL A 559 -10.96 15.98 -10.02
N ASP A 560 -10.62 17.19 -10.47
CA ASP A 560 -9.42 17.41 -11.28
C ASP A 560 -8.28 17.69 -10.31
N VAL A 561 -7.48 16.66 -10.02
CA VAL A 561 -6.53 16.77 -8.91
C VAL A 561 -5.49 17.85 -9.18
N PHE A 562 -4.94 17.89 -10.40
CA PHE A 562 -3.89 18.88 -10.65
C PHE A 562 -4.42 20.30 -10.55
N ALA A 563 -5.68 20.54 -10.93
CA ALA A 563 -6.25 21.87 -10.72
C ALA A 563 -6.43 22.14 -9.24
N ARG A 564 -6.85 21.12 -8.49
CA ARG A 564 -7.00 21.25 -7.05
C ARG A 564 -5.67 21.59 -6.39
N GLN A 565 -4.58 20.96 -6.85
CA GLN A 565 -3.26 21.25 -6.30
C GLN A 565 -2.89 22.72 -6.51
N ALA A 566 -3.20 23.27 -7.68
CA ALA A 566 -2.94 24.69 -7.91
C ALA A 566 -3.63 25.56 -6.87
N GLU A 567 -4.87 25.23 -6.53
CA GLU A 567 -5.56 26.01 -5.49
C GLU A 567 -4.88 25.84 -4.14
N LEU A 568 -4.62 24.59 -3.75
CA LEU A 568 -4.09 24.31 -2.41
C LEU A 568 -2.66 24.84 -2.26
N ALA A 569 -1.94 25.02 -3.36
CA ALA A 569 -0.58 25.52 -3.26
C ALA A 569 -0.52 26.91 -2.64
N LYS A 570 -1.65 27.60 -2.54
CA LYS A 570 -1.71 28.97 -2.06
C LYS A 570 -2.02 29.07 -0.57
N ARG A 571 -2.50 28.00 0.05
CA ARG A 571 -2.96 28.12 1.43
C ARG A 571 -1.78 28.22 2.38
N THR A 572 -2.07 28.72 3.58
CA THR A 572 -1.04 28.83 4.61
C THR A 572 -0.55 27.42 4.96
N PRO A 573 0.76 27.21 5.06
CA PRO A 573 1.28 25.86 5.33
C PRO A 573 0.89 25.37 6.71
N ALA A 574 0.83 24.04 6.85
CA ALA A 574 0.48 23.43 8.12
C ALA A 574 1.55 23.74 9.16
N SER A 575 1.16 23.74 10.43
CA SER A 575 2.03 24.14 11.52
C SER A 575 2.69 22.95 12.20
N VAL A 576 4.02 22.99 12.34
CA VAL A 576 4.71 21.98 13.13
C VAL A 576 4.23 22.01 14.59
N ASP A 577 3.82 23.18 15.09
CA ASP A 577 3.32 23.23 16.46
C ASP A 577 2.04 22.43 16.61
N ASP A 578 1.17 22.44 15.58
CA ASP A 578 0.02 21.55 15.63
C ASP A 578 0.45 20.09 15.60
N ILE A 579 1.45 19.77 14.78
CA ILE A 579 1.90 18.38 14.70
C ILE A 579 2.50 17.93 16.02
N LEU A 580 3.14 18.86 16.76
CA LEU A 580 3.77 18.55 18.02
C LEU A 580 2.77 18.50 19.18
N THR A 581 1.48 18.55 18.90
CA THR A 581 0.47 18.51 19.95
C THR A 581 0.18 17.04 20.28
N ILE A 582 0.63 16.60 21.44
CA ILE A 582 0.56 15.17 21.79
C ILE A 582 -0.88 14.79 22.09
N PRO A 583 -1.42 13.68 21.46
CA PRO A 583 -2.85 13.32 21.64
C PRO A 583 -3.13 12.66 22.99
N LEU A 584 -2.89 13.40 24.06
CA LEU A 584 -3.15 12.88 25.40
C LEU A 584 -4.61 13.05 25.78
N ALA A 585 -5.16 12.05 26.45
CA ALA A 585 -6.52 12.16 26.95
C ALA A 585 -6.61 13.29 27.98
N PRO A 586 -7.57 14.21 27.84
CA PRO A 586 -7.66 15.30 28.84
C PRO A 586 -7.76 14.78 30.25
N ASN A 587 -8.59 13.76 30.47
CA ASN A 587 -8.59 13.00 31.71
C ASN A 587 -8.87 11.54 31.35
N THR A 588 -8.75 10.67 32.33
CA THR A 588 -8.95 9.24 32.15
C THR A 588 -10.26 8.78 32.80
N ASN A 589 -11.28 9.63 32.75
CA ASN A 589 -12.58 9.34 33.37
C ASN A 589 -13.54 8.70 32.38
N TRP A 590 -13.04 7.74 31.60
CA TRP A 590 -13.92 6.93 30.77
C TRP A 590 -14.82 6.05 31.63
N THR A 591 -16.04 5.83 31.15
CA THR A 591 -16.90 4.81 31.71
C THR A 591 -16.22 3.45 31.69
N ALA A 592 -16.49 2.64 32.72
CA ALA A 592 -15.99 1.27 32.71
C ALA A 592 -16.41 0.53 31.45
N GLU A 593 -17.62 0.81 30.94
CA GLU A 593 -18.05 0.20 29.69
C GLU A 593 -17.23 0.71 28.51
N GLU A 594 -16.96 2.01 28.48
CA GLU A 594 -16.12 2.54 27.40
C GLU A 594 -14.76 1.89 27.40
N ILE A 595 -14.16 1.72 28.59
CA ILE A 595 -12.84 1.12 28.66
C ILE A 595 -12.89 -0.32 28.15
N LYS A 596 -13.90 -1.06 28.59
CA LYS A 596 -14.05 -2.45 28.15
C LYS A 596 -14.18 -2.53 26.63
N ASN A 597 -14.94 -1.61 26.02
CA ASN A 597 -15.09 -1.66 24.57
C ASN A 597 -13.77 -1.36 23.87
N GLU A 598 -12.99 -0.42 24.39
CA GLU A 598 -11.70 -0.11 23.79
C GLU A 598 -10.73 -1.28 23.92
N VAL A 599 -10.61 -1.84 25.12
CA VAL A 599 -9.67 -2.95 25.32
C VAL A 599 -10.09 -4.16 24.49
N ASP A 600 -11.38 -4.51 24.54
CA ASP A 600 -11.84 -5.69 23.82
C ASP A 600 -11.66 -5.52 22.32
N ASN A 601 -11.92 -4.32 21.81
CA ASN A 601 -11.82 -4.11 20.37
C ASN A 601 -10.37 -4.20 19.90
N ASN A 602 -9.44 -3.61 20.65
CA ASN A 602 -8.03 -3.73 20.32
C ASN A 602 -7.56 -5.17 20.48
N ALA A 603 -7.95 -5.84 21.57
CA ALA A 603 -7.54 -7.22 21.79
C ALA A 603 -8.01 -8.12 20.65
N GLN A 604 -9.22 -8.01 20.18
CA GLN A 604 -9.70 -8.76 19.02
C GLN A 604 -8.95 -8.38 17.74
N GLY A 605 -8.74 -7.22 17.53
CA GLY A 605 -8.02 -6.90 16.32
C GLY A 605 -6.59 -7.43 16.34
N ILE A 606 -5.93 -7.36 17.50
CA ILE A 606 -4.58 -7.92 17.63
C ILE A 606 -4.63 -9.42 17.35
N LEU A 607 -5.51 -10.13 18.07
CA LEU A 607 -5.52 -11.59 18.04
C LEU A 607 -5.94 -12.11 16.68
N GLY A 608 -6.97 -11.49 16.08
CA GLY A 608 -7.44 -11.95 14.78
C GLY A 608 -6.36 -11.86 13.72
N TYR A 609 -5.47 -10.88 13.83
CA TYR A 609 -4.37 -10.72 12.89
C TYR A 609 -3.20 -11.66 13.24
N VAL A 610 -2.82 -11.66 14.52
CA VAL A 610 -1.62 -12.37 14.92
C VAL A 610 -1.78 -13.88 14.74
N VAL A 611 -2.97 -14.43 15.04
CA VAL A 611 -3.11 -15.89 14.91
C VAL A 611 -2.87 -16.33 13.46
N ARG A 612 -3.30 -15.56 12.49
CA ARG A 612 -3.07 -15.95 11.12
C ARG A 612 -1.61 -15.71 10.65
N TRP A 613 -0.99 -14.71 11.24
CA TRP A 613 0.39 -14.41 10.92
C TRP A 613 1.28 -15.54 11.40
N ILE A 614 1.17 -15.84 12.68
CA ILE A 614 1.98 -16.86 13.28
C ILE A 614 1.70 -18.29 12.81
N ASP A 615 0.44 -18.65 12.75
CA ASP A 615 0.14 -20.06 12.44
C ASP A 615 0.16 -20.34 10.93
N GLN A 616 -0.19 -19.36 10.11
CA GLN A 616 -0.35 -19.58 8.69
C GLN A 616 0.55 -18.72 7.82
N GLY A 617 1.39 -17.86 8.43
CA GLY A 617 2.26 -17.00 7.65
C GLY A 617 1.51 -16.04 6.73
N VAL A 618 0.34 -15.56 7.16
CA VAL A 618 -0.48 -14.63 6.39
C VAL A 618 -0.30 -13.24 6.98
N GLY A 619 0.22 -12.31 6.16
CA GLY A 619 0.53 -10.98 6.66
C GLY A 619 -0.55 -9.93 6.49
N CYS A 620 -1.69 -10.29 5.90
CA CYS A 620 -2.77 -9.34 5.71
C CYS A 620 -4.08 -10.12 5.81
N SER A 621 -4.90 -9.79 6.80
CA SER A 621 -6.14 -10.50 7.08
C SER A 621 -7.28 -9.51 7.29
N LYS A 622 -8.47 -9.94 6.88
CA LYS A 622 -9.68 -9.20 7.17
C LYS A 622 -10.23 -9.74 8.49
N VAL A 623 -10.37 -8.85 9.48
CA VAL A 623 -10.72 -9.24 10.83
C VAL A 623 -11.92 -8.42 11.28
N PRO A 624 -13.05 -9.05 11.59
CA PRO A 624 -14.21 -8.28 12.08
C PRO A 624 -13.88 -7.59 13.40
N ASP A 625 -14.34 -6.35 13.55
CA ASP A 625 -14.17 -5.65 14.81
C ASP A 625 -15.37 -5.93 15.72
N ILE A 626 -15.42 -5.31 16.89
CA ILE A 626 -16.51 -5.67 17.81
C ILE A 626 -17.87 -5.20 17.30
N ASN A 627 -17.91 -4.45 16.20
CA ASN A 627 -19.17 -4.12 15.55
C ASN A 627 -19.44 -5.04 14.37
N ASP A 628 -18.62 -6.07 14.17
CA ASP A 628 -18.68 -6.97 13.03
C ASP A 628 -18.39 -6.27 11.70
N VAL A 629 -17.64 -5.17 11.72
CA VAL A 629 -17.13 -4.59 10.49
C VAL A 629 -15.82 -5.28 10.16
N GLY A 630 -15.72 -5.80 8.93
CA GLY A 630 -14.49 -6.43 8.47
C GLY A 630 -13.38 -5.42 8.20
N LEU A 631 -12.33 -5.45 9.02
CA LEU A 631 -11.21 -4.51 8.89
C LEU A 631 -10.03 -5.21 8.25
N MET A 632 -9.46 -4.60 7.21
CA MET A 632 -8.21 -5.10 6.66
C MET A 632 -7.08 -4.76 7.63
N GLU A 633 -6.35 -5.77 8.09
CA GLU A 633 -5.30 -5.56 9.08
C GLU A 633 -3.94 -5.96 8.52
N ASP A 634 -2.94 -5.14 8.79
CA ASP A 634 -1.55 -5.45 8.50
C ASP A 634 -0.76 -4.99 9.71
N ARG A 635 0.58 -4.99 9.60
CA ARG A 635 1.37 -4.72 10.79
C ARG A 635 1.13 -3.32 11.32
N ALA A 636 0.74 -2.36 10.47
CA ALA A 636 0.54 -1.00 10.97
C ALA A 636 -0.64 -0.93 11.95
N THR A 637 -1.72 -1.65 11.68
CA THR A 637 -2.83 -1.63 12.64
C THR A 637 -2.48 -2.38 13.91
N LEU A 638 -1.68 -3.43 13.80
CA LEU A 638 -1.17 -4.12 14.99
C LEU A 638 -0.29 -3.21 15.83
N ARG A 639 0.56 -2.40 15.16
CA ARG A 639 1.38 -1.43 15.88
C ARG A 639 0.53 -0.48 16.71
N ILE A 640 -0.51 0.12 16.12
CA ILE A 640 -1.40 1.00 16.88
C ILE A 640 -2.01 0.27 18.06
N SER A 641 -2.67 -0.86 17.80
CA SER A 641 -3.48 -1.49 18.84
C SER A 641 -2.61 -1.97 19.99
N SER A 642 -1.48 -2.61 19.69
CA SER A 642 -0.61 -3.07 20.77
C SER A 642 -0.01 -1.90 21.54
N GLN A 643 0.37 -0.84 20.84
CA GLN A 643 0.95 0.30 21.56
C GLN A 643 -0.09 1.02 22.40
N LEU A 644 -1.33 1.15 21.92
CA LEU A 644 -2.34 1.78 22.75
C LEU A 644 -2.58 1.00 24.04
N LEU A 645 -2.66 -0.34 23.95
CA LEU A 645 -2.89 -1.13 25.16
C LEU A 645 -1.70 -1.04 26.09
N ALA A 646 -0.48 -1.06 25.54
CA ALA A 646 0.70 -0.88 26.36
C ALA A 646 0.67 0.47 27.06
N ASN A 647 0.23 1.52 26.36
CA ASN A 647 0.20 2.86 26.95
C ASN A 647 -0.84 2.95 28.08
N TRP A 648 -2.05 2.44 27.83
CA TRP A 648 -3.07 2.42 28.89
C TRP A 648 -2.61 1.59 30.07
N LEU A 649 -1.91 0.50 29.81
CA LEU A 649 -1.35 -0.29 30.90
C LEU A 649 -0.28 0.50 31.64
N ARG A 650 0.60 1.18 30.90
CA ARG A 650 1.70 1.90 31.54
C ARG A 650 1.22 3.00 32.46
N HIS A 651 0.06 3.59 32.17
CA HIS A 651 -0.45 4.72 32.93
C HIS A 651 -1.64 4.34 33.80
N GLY A 652 -1.84 3.03 34.01
CA GLY A 652 -2.85 2.59 34.97
C GLY A 652 -4.27 2.81 34.55
N VAL A 653 -4.55 3.03 33.26
CA VAL A 653 -5.94 3.04 32.82
C VAL A 653 -6.54 1.65 32.97
N ILE A 654 -5.74 0.63 32.66
CA ILE A 654 -6.12 -0.77 32.83
C ILE A 654 -5.00 -1.50 33.56
N SER A 655 -5.35 -2.63 34.14
CA SER A 655 -4.42 -3.51 34.85
C SER A 655 -3.99 -4.65 33.95
N GLN A 656 -2.87 -5.29 34.31
CA GLN A 656 -2.41 -6.42 33.53
C GLN A 656 -3.42 -7.56 33.57
N GLU A 657 -3.94 -7.88 34.77
CA GLU A 657 -4.96 -8.91 34.86
C GLU A 657 -6.14 -8.60 33.95
N GLN A 658 -6.50 -7.33 33.84
CA GLN A 658 -7.58 -6.91 32.95
C GLN A 658 -7.24 -7.16 31.48
N VAL A 659 -6.05 -6.75 31.03
CA VAL A 659 -5.71 -6.96 29.63
C VAL A 659 -5.62 -8.45 29.31
N VAL A 660 -5.08 -9.24 30.25
CA VAL A 660 -4.96 -10.67 30.02
C VAL A 660 -6.34 -11.31 29.92
N GLU A 661 -7.26 -10.91 30.79
CA GLU A 661 -8.60 -11.47 30.74
C GLU A 661 -9.30 -11.13 29.43
N SER A 662 -9.13 -9.88 28.95
CA SER A 662 -9.73 -9.52 27.68
C SER A 662 -9.11 -10.30 26.53
N LEU A 663 -7.78 -10.47 26.52
CA LEU A 663 -7.16 -11.25 25.46
C LEU A 663 -7.68 -12.69 25.45
N LYS A 664 -7.81 -13.31 26.62
CA LYS A 664 -8.32 -14.68 26.64
C LYS A 664 -9.77 -14.72 26.15
N ARG A 665 -10.60 -13.78 26.58
CA ARG A 665 -12.00 -13.75 26.15
C ARG A 665 -12.11 -13.51 24.64
N MET A 666 -11.33 -12.56 24.11
CA MET A 666 -11.43 -12.28 22.69
C MET A 666 -10.76 -13.35 21.85
N ALA A 667 -9.81 -14.10 22.43
CA ALA A 667 -9.25 -15.24 21.70
C ALA A 667 -10.34 -16.25 21.36
N VAL A 668 -11.28 -16.47 22.28
CA VAL A 668 -12.37 -17.41 22.01
C VAL A 668 -13.24 -16.90 20.87
N VAL A 669 -13.50 -15.60 20.85
CA VAL A 669 -14.25 -14.98 19.74
C VAL A 669 -13.51 -15.21 18.43
N VAL A 670 -12.22 -14.96 18.42
CA VAL A 670 -11.44 -15.18 17.22
C VAL A 670 -11.48 -16.64 16.79
N ASP A 671 -11.32 -17.57 17.73
CA ASP A 671 -11.38 -18.98 17.38
C ASP A 671 -12.71 -19.30 16.68
N ARG A 672 -13.81 -18.79 17.19
CA ARG A 672 -15.11 -19.02 16.58
C ARG A 672 -15.18 -18.45 15.17
N GLN A 673 -14.64 -17.24 15.02
CA GLN A 673 -14.71 -16.61 13.71
C GLN A 673 -13.95 -17.44 12.67
N ASN A 674 -12.96 -18.22 13.09
CA ASN A 674 -12.15 -19.01 12.17
C ASN A 674 -12.52 -20.49 12.17
N ALA A 675 -13.56 -20.88 12.92
CA ALA A 675 -13.87 -22.30 13.11
C ALA A 675 -14.18 -23.00 11.79
N SER A 676 -14.63 -22.27 10.78
CA SER A 676 -14.96 -22.93 9.52
C SER A 676 -13.75 -23.17 8.62
N ASP A 677 -12.58 -22.63 8.97
CA ASP A 677 -11.35 -22.77 8.22
C ASP A 677 -10.68 -24.09 8.61
N PRO A 678 -10.59 -25.07 7.70
CA PRO A 678 -10.00 -26.36 8.09
C PRO A 678 -8.53 -26.25 8.45
N SER A 679 -7.83 -25.23 8.00
CA SER A 679 -6.43 -25.12 8.36
C SER A 679 -6.21 -24.33 9.65
N TYR A 680 -7.29 -23.89 10.30
CA TYR A 680 -7.19 -23.09 11.52
C TYR A 680 -7.08 -24.01 12.74
N ARG A 681 -6.21 -23.63 13.68
CA ARG A 681 -6.11 -24.31 14.97
C ARG A 681 -6.41 -23.32 16.08
N PRO A 682 -7.31 -23.66 17.02
CA PRO A 682 -7.74 -22.66 18.02
C PRO A 682 -6.65 -22.31 19.02
N MET A 683 -6.74 -21.12 19.58
CA MET A 683 -5.81 -20.67 20.58
C MET A 683 -6.19 -21.19 21.94
N ALA A 684 -7.48 -21.16 22.21
CA ALA A 684 -8.01 -21.65 23.46
C ALA A 684 -8.12 -23.17 23.32
N PRO A 685 -8.11 -23.96 24.46
CA PRO A 685 -8.00 -23.29 25.75
C PRO A 685 -6.61 -23.25 26.34
N ASN A 686 -5.62 -23.87 25.73
CA ASN A 686 -4.26 -23.87 26.25
C ASN A 686 -3.47 -22.62 25.84
N PHE A 687 -3.74 -21.52 26.48
CA PHE A 687 -3.10 -20.27 26.09
C PHE A 687 -1.60 -20.29 26.38
N ASP A 688 -1.18 -20.96 27.47
CA ASP A 688 0.22 -20.92 27.88
C ASP A 688 1.16 -21.45 26.80
N ASP A 689 0.74 -22.50 26.10
CA ASP A 689 1.58 -23.15 25.11
C ASP A 689 1.31 -22.67 23.70
N ASN A 690 0.42 -21.70 23.52
CA ASN A 690 0.02 -21.29 22.18
C ASN A 690 0.93 -20.16 21.72
N VAL A 691 1.71 -20.42 20.66
CA VAL A 691 2.71 -19.46 20.19
C VAL A 691 2.04 -18.15 19.80
N ALA A 692 0.94 -18.22 19.04
CA ALA A 692 0.30 -17.00 18.58
C ALA A 692 -0.22 -16.17 19.75
N PHE A 693 -0.90 -16.81 20.70
CA PHE A 693 -1.41 -16.08 21.86
C PHE A 693 -0.26 -15.43 22.63
N GLN A 694 0.84 -16.17 22.84
CA GLN A 694 1.98 -15.60 23.54
C GLN A 694 2.59 -14.42 22.78
N ALA A 695 2.59 -14.50 21.44
CA ALA A 695 3.07 -13.39 20.63
C ALA A 695 2.21 -12.14 20.85
N ALA A 696 0.88 -12.31 20.84
CA ALA A 696 -0.02 -11.20 21.10
C ALA A 696 0.22 -10.63 22.50
N LEU A 697 0.35 -11.51 23.48
CA LEU A 697 0.55 -11.07 24.86
C LEU A 697 1.85 -10.28 25.00
N GLU A 698 2.93 -10.77 24.37
CA GLU A 698 4.20 -10.07 24.41
C GLU A 698 4.11 -8.69 23.79
N LEU A 699 3.42 -8.55 22.64
CA LEU A 699 3.32 -7.24 22.01
C LEU A 699 2.59 -6.25 22.90
N VAL A 700 1.63 -6.72 23.70
CA VAL A 700 0.90 -5.82 24.59
C VAL A 700 1.67 -5.58 25.87
N VAL A 701 1.95 -6.65 26.63
CA VAL A 701 2.52 -6.51 27.96
C VAL A 701 3.93 -5.97 27.89
N GLU A 702 4.65 -6.24 26.80
CA GLU A 702 5.98 -5.66 26.61
C GLU A 702 6.00 -4.67 25.45
N GLY A 703 4.86 -4.04 25.18
CA GLY A 703 4.79 -3.03 24.14
C GLY A 703 5.77 -1.89 24.35
N THR A 704 6.01 -1.50 25.61
CA THR A 704 6.94 -0.39 25.85
C THR A 704 8.36 -0.73 25.45
N ARG A 705 8.70 -2.01 25.36
CA ARG A 705 10.06 -2.40 25.02
C ARG A 705 10.29 -2.55 23.52
N GLN A 706 9.25 -2.45 22.72
CA GLN A 706 9.53 -2.68 21.31
C GLN A 706 10.09 -1.40 20.66
N PRO A 707 11.11 -1.52 19.82
CA PRO A 707 11.73 -0.31 19.25
C PRO A 707 10.74 0.49 18.40
N ASN A 708 10.50 1.74 18.81
CA ASN A 708 9.50 2.61 18.20
C ASN A 708 8.15 1.90 18.03
N GLY A 709 7.89 0.92 18.91
CA GLY A 709 6.64 0.17 18.86
C GLY A 709 6.50 -0.82 17.72
N TYR A 710 7.57 -1.08 16.97
CA TYR A 710 7.50 -2.02 15.84
C TYR A 710 7.17 -3.44 16.29
N THR A 711 6.40 -4.13 15.45
CA THR A 711 5.89 -5.45 15.77
C THR A 711 6.73 -6.57 15.18
N GLU A 712 7.63 -6.28 14.25
CA GLU A 712 8.37 -7.33 13.56
C GLU A 712 9.29 -8.12 14.47
N PRO A 713 9.99 -7.53 15.44
CA PRO A 713 10.87 -8.36 16.26
C PRO A 713 10.11 -9.52 16.92
N VAL A 714 8.95 -9.26 17.51
CA VAL A 714 8.18 -10.33 18.15
C VAL A 714 7.59 -11.27 17.10
N LEU A 715 6.97 -10.71 16.05
CA LEU A 715 6.32 -11.56 15.05
C LEU A 715 7.31 -12.49 14.38
N HIS A 716 8.48 -11.96 13.98
CA HIS A 716 9.49 -12.79 13.34
C HIS A 716 9.96 -13.91 14.26
N ARG A 717 10.27 -13.59 15.52
CA ARG A 717 10.72 -14.59 16.48
C ARG A 717 9.68 -15.68 16.65
N ARG A 718 8.43 -15.28 16.85
CA ARG A 718 7.37 -16.24 17.15
C ARG A 718 6.97 -17.06 15.92
N ARG A 719 6.93 -16.44 14.74
CA ARG A 719 6.66 -17.19 13.53
C ARG A 719 7.73 -18.25 13.30
N ARG A 720 8.99 -17.89 13.50
CA ARG A 720 10.06 -18.87 13.32
C ARG A 720 9.93 -19.99 14.33
N GLU A 721 9.59 -19.65 15.58
CA GLU A 721 9.29 -20.65 16.60
C GLU A 721 8.19 -21.60 16.13
N PHE A 722 7.10 -21.05 15.59
CA PHE A 722 6.02 -21.92 15.11
C PHE A 722 6.46 -22.78 13.93
N LYS A 723 7.15 -22.18 12.95
CA LYS A 723 7.62 -22.93 11.79
C LYS A 723 8.52 -24.08 12.22
N ALA A 724 9.47 -23.81 13.12
CA ALA A 724 10.41 -24.84 13.54
C ALA A 724 9.69 -26.02 14.19
N LYS A 725 8.76 -25.72 15.11
CA LYS A 725 8.06 -26.79 15.83
C LYS A 725 7.22 -27.64 14.90
N ASN A 726 6.75 -27.09 13.79
CA ASN A 726 5.79 -27.80 12.94
C ASN A 726 6.41 -28.25 11.63
N GLY A 727 7.71 -28.08 11.44
CA GLY A 727 8.34 -28.51 10.21
C GLY A 727 7.93 -27.71 8.99
N LEU A 728 7.76 -26.40 9.13
CA LEU A 728 7.33 -25.58 8.01
C LEU A 728 8.48 -24.84 7.34
#